data_5NMD
#
_entry.id   5NMD
#
_cell.length_a   87.470
_cell.length_b   50.620
_cell.length_c   114.310
_cell.angle_alpha   90.00
_cell.angle_beta   90.16
_cell.angle_gamma   90.00
#
_symmetry.space_group_name_H-M   'P 1 21 1'
#
loop_
_entity.id
_entity.type
_entity.pdbx_description
1 polymer 'human T-cell Receptor alpha chain'
2 polymer 'Human T-cell Receptor, beta chain'
3 non-polymer 1,2-ETHANEDIOL
4 non-polymer 'SULFATE ION'
5 water water
#
loop_
_entity_poly.entity_id
_entity_poly.type
_entity_poly.pdbx_seq_one_letter_code
_entity_poly.pdbx_strand_id
1 'polypeptide(L)'
;KEVEQNSGPLSVPEGAIASLNCTYSDRGSQSFFWYRQYSGKSPELIMFIYSNGDKEDGRFTAQLNKASQYISLLIRDSKL
SDSATYLCAVRTNSGYALNFGKGTSLLVTPHIQKPDPAVYQLRDSKSSDKSVCLFTDFDSQTNVSQSKDSDVYITDKCVL
DMRSMDFKSNSAVAWSNKSDFACANAFNNSIIPEDTFFPS
;
A,C
2 'polypeptide(L)'
;DAGVTQSPTHLIKTRGQQVTLRCSPKQGHDTVSWYQQALGQGPQFIFQYYEEEERQRGNFPDRFSGHQFPNYSSELNVNA
LLLGDSALYLCASSDTVSYEQYFGPGTRLTVTEDLKNVFPPEVAVFEPSEAEISHTQKATLVCLATGFYPDHVELSWWVN
GKEVHSGVCTDPQPLKEQPALNDSRYALSSRLRVSATFWQDPRNHFRCQVQFYGLSENDEWTQDRAKPVTQIVSAEAWGR
AD
;
B,D
#
loop_
_chem_comp.id
_chem_comp.type
_chem_comp.name
_chem_comp.formula
EDO non-polymer 1,2-ETHANEDIOL 'C2 H6 O2'
SO4 non-polymer 'SULFATE ION' 'O4 S -2'
#
# COMPACT_ATOMS: atom_id res chain seq x y z
N LYS A 1 17.01 5.38 -3.31
CA LYS A 1 18.20 5.58 -2.44
C LYS A 1 18.76 4.23 -1.91
N GLU A 2 19.71 4.26 -0.99
CA GLU A 2 20.43 3.04 -0.59
C GLU A 2 19.49 1.97 -0.02
N VAL A 3 18.44 2.36 0.71
CA VAL A 3 17.61 1.42 1.47
C VAL A 3 16.15 1.76 1.21
N GLU A 4 15.38 0.78 0.75
CA GLU A 4 14.01 1.01 0.30
C GLU A 4 12.96 0.28 1.11
N GLN A 5 11.96 0.98 1.57
CA GLN A 5 10.75 0.38 2.08
C GLN A 5 9.59 1.31 1.79
N ASN A 6 8.41 0.71 1.73
CA ASN A 6 7.17 1.52 1.58
C ASN A 6 6.73 2.15 2.89
N SER A 7 6.38 3.46 2.89
CA SER A 7 5.75 4.12 4.08
C SER A 7 4.48 3.46 4.65
N GLY A 8 3.66 2.87 3.73
CA GLY A 8 2.34 2.33 4.07
C GLY A 8 1.48 3.56 4.33
N PRO A 9 0.62 3.61 5.37
CA PRO A 9 0.53 2.60 6.41
C PRO A 9 0.05 1.27 5.87
N LEU A 10 0.39 0.20 6.55
CA LEU A 10 -0.13 -1.12 6.25
C LEU A 10 -0.96 -1.49 7.46
N SER A 11 -2.15 -2.03 7.21
CA SER A 11 -3.03 -2.60 8.25
C SER A 11 -2.90 -4.11 8.29
N VAL A 12 -3.01 -4.68 9.48
CA VAL A 12 -2.97 -6.11 9.64
C VAL A 12 -4.00 -6.37 10.73
N PRO A 13 -4.85 -7.39 10.54
CA PRO A 13 -5.75 -7.71 11.64
C PRO A 13 -5.00 -8.17 12.86
N GLU A 14 -5.49 -7.71 14.01
CA GLU A 14 -5.03 -8.23 15.30
C GLU A 14 -4.97 -9.75 15.31
N GLY A 15 -3.81 -10.29 15.71
CA GLY A 15 -3.61 -11.75 15.74
C GLY A 15 -3.05 -12.35 14.47
N ALA A 16 -3.06 -11.63 13.36
CA ALA A 16 -2.58 -12.17 12.10
C ALA A 16 -1.09 -11.86 11.93
N ILE A 17 -0.52 -12.46 10.88
CA ILE A 17 0.87 -12.28 10.55
C ILE A 17 1.13 -10.98 9.82
N ALA A 18 1.98 -10.14 10.39
CA ALA A 18 2.41 -8.93 9.72
C ALA A 18 3.73 -9.24 9.00
N SER A 19 3.86 -8.76 7.78
CA SER A 19 5.04 -8.95 6.96
C SER A 19 5.57 -7.56 6.50
N LEU A 20 6.85 -7.28 6.74
CA LEU A 20 7.46 -6.01 6.23
C LEU A 20 8.73 -6.39 5.46
N ASN A 21 8.98 -5.69 4.37
CA ASN A 21 10.11 -5.96 3.53
C ASN A 21 10.94 -4.74 3.27
N CYS A 22 12.22 -4.94 3.03
N CYS A 22 12.22 -4.95 3.00
CA CYS A 22 13.12 -3.85 2.70
CA CYS A 22 13.13 -3.86 2.69
C CYS A 22 14.15 -4.38 1.72
C CYS A 22 14.15 -4.38 1.72
N THR A 23 14.49 -3.57 0.71
CA THR A 23 15.56 -3.91 -0.19
C THR A 23 16.69 -2.91 -0.05
N TYR A 24 17.88 -3.31 -0.49
CA TYR A 24 19.04 -2.48 -0.35
C TYR A 24 19.92 -2.65 -1.58
N SER A 25 20.64 -1.60 -1.97
CA SER A 25 21.42 -1.64 -3.23
C SER A 25 22.86 -2.11 -3.13
N ASP A 26 23.53 -1.90 -1.99
CA ASP A 26 24.98 -2.19 -1.88
C ASP A 26 25.19 -3.70 -1.61
N ARG A 27 25.71 -4.42 -2.58
CA ARG A 27 25.88 -5.89 -2.45
C ARG A 27 26.95 -6.24 -1.39
N GLY A 28 27.84 -5.28 -1.10
CA GLY A 28 28.74 -5.39 0.02
C GLY A 28 28.17 -5.03 1.39
N SER A 29 26.84 -4.98 1.56
CA SER A 29 26.24 -4.78 2.90
C SER A 29 26.44 -6.00 3.77
N GLN A 30 26.86 -5.79 5.02
CA GLN A 30 27.11 -6.93 5.91
C GLN A 30 26.23 -7.05 7.14
N SER A 31 25.53 -6.00 7.57
CA SER A 31 24.59 -6.22 8.66
C SER A 31 23.35 -5.44 8.49
N PHE A 32 22.27 -5.97 9.08
CA PHE A 32 20.93 -5.61 8.74
C PHE A 32 20.15 -5.54 10.02
N PHE A 33 19.33 -4.49 10.16
CA PHE A 33 18.64 -4.24 11.41
C PHE A 33 17.21 -3.86 11.21
N TRP A 34 16.35 -4.24 12.15
CA TRP A 34 15.04 -3.66 12.24
C TRP A 34 14.91 -2.90 13.56
N TYR A 35 14.39 -1.69 13.46
CA TYR A 35 14.01 -0.90 14.58
C TYR A 35 12.51 -0.61 14.55
N ARG A 36 11.95 -0.39 15.72
CA ARG A 36 10.63 0.00 15.89
C ARG A 36 10.58 1.40 16.56
N GLN A 37 9.68 2.28 16.12
CA GLN A 37 9.56 3.63 16.64
C GLN A 37 8.09 3.95 16.87
N TYR A 38 7.72 4.11 18.14
CA TYR A 38 6.43 4.54 18.53
C TYR A 38 6.45 6.01 18.44
N SER A 39 5.25 6.54 18.44
CA SER A 39 4.99 7.97 18.37
C SER A 39 5.64 8.73 19.48
N GLY A 40 6.32 9.80 19.13
CA GLY A 40 6.98 10.65 20.09
C GLY A 40 8.28 10.09 20.67
N LYS A 41 8.76 8.95 20.20
CA LYS A 41 9.88 8.29 20.84
C LYS A 41 10.97 8.04 19.80
N SER A 42 12.09 7.53 20.29
CA SER A 42 13.19 7.12 19.46
C SER A 42 13.04 5.73 18.99
N PRO A 43 13.76 5.40 17.93
CA PRO A 43 13.78 4.01 17.50
C PRO A 43 14.44 3.04 18.47
N GLU A 44 13.87 1.85 18.58
CA GLU A 44 14.41 0.84 19.49
C GLU A 44 14.81 -0.34 18.63
N LEU A 45 15.98 -0.91 18.89
CA LEU A 45 16.46 -2.01 18.11
C LEU A 45 15.59 -3.22 18.41
N ILE A 46 15.01 -3.86 17.41
CA ILE A 46 14.27 -5.09 17.71
C ILE A 46 14.96 -6.33 17.22
N MET A 47 15.76 -6.27 16.16
CA MET A 47 16.50 -7.43 15.67
C MET A 47 17.66 -7.05 14.77
N PHE A 48 18.70 -7.86 14.77
CA PHE A 48 19.71 -7.73 13.81
C PHE A 48 19.94 -9.10 13.20
N ILE A 49 20.48 -9.10 11.98
CA ILE A 49 20.77 -10.33 11.26
C ILE A 49 21.90 -10.09 10.29
N TYR A 50 22.76 -11.09 10.15
CA TYR A 50 23.92 -10.92 9.29
C TYR A 50 24.28 -12.11 8.42
N SER A 51 23.64 -13.25 8.56
CA SER A 51 23.74 -14.28 7.52
C SER A 51 22.39 -14.72 6.99
N ASN A 52 22.46 -15.30 5.81
CA ASN A 52 21.28 -15.78 5.09
C ASN A 52 20.43 -16.73 5.90
N GLY A 53 19.13 -16.52 5.84
CA GLY A 53 18.17 -17.37 6.49
C GLY A 53 17.32 -16.58 7.41
N ASP A 54 16.76 -17.30 8.40
CA ASP A 54 15.78 -16.79 9.35
C ASP A 54 16.41 -16.67 10.72
N LYS A 55 16.03 -15.66 11.46
CA LYS A 55 16.36 -15.56 12.87
C LYS A 55 15.07 -15.28 13.61
N GLU A 56 14.81 -16.04 14.64
CA GLU A 56 13.54 -15.99 15.34
C GLU A 56 13.77 -15.38 16.71
N ASP A 57 12.91 -14.47 17.12
CA ASP A 57 12.98 -13.92 18.46
C ASP A 57 11.58 -13.67 18.96
N GLY A 58 11.08 -14.60 19.76
CA GLY A 58 9.71 -14.61 20.23
C GLY A 58 8.80 -14.60 19.00
N ARG A 59 7.95 -13.56 18.90
CA ARG A 59 7.01 -13.47 17.82
C ARG A 59 7.59 -12.86 16.52
N PHE A 60 8.87 -12.43 16.57
CA PHE A 60 9.54 -11.79 15.47
C PHE A 60 10.42 -12.78 14.73
N THR A 61 10.43 -12.69 13.40
CA THR A 61 11.35 -13.44 12.58
C THR A 61 11.91 -12.50 11.58
N ALA A 62 13.23 -12.45 11.48
CA ALA A 62 13.87 -11.65 10.44
C ALA A 62 14.32 -12.62 9.42
N GLN A 63 14.32 -12.23 8.15
CA GLN A 63 14.85 -13.09 7.10
C GLN A 63 15.75 -12.24 6.23
N LEU A 64 16.89 -12.80 5.82
CA LEU A 64 17.81 -12.09 4.99
C LEU A 64 18.13 -12.93 3.80
N ASN A 65 18.21 -12.32 2.64
CA ASN A 65 18.61 -13.01 1.45
C ASN A 65 19.60 -12.09 0.82
N LYS A 66 20.89 -12.39 0.96
CA LYS A 66 21.93 -11.51 0.43
C LYS A 66 22.05 -11.56 -1.09
N ALA A 67 21.66 -12.66 -1.72
CA ALA A 67 21.71 -12.78 -3.16
C ALA A 67 20.64 -11.89 -3.81
N SER A 68 19.44 -11.88 -3.24
CA SER A 68 18.34 -11.03 -3.73
C SER A 68 18.30 -9.62 -3.12
N GLN A 69 19.09 -9.41 -2.06
CA GLN A 69 19.24 -8.12 -1.39
C GLN A 69 17.92 -7.61 -0.82
N TYR A 70 17.27 -8.45 -0.03
CA TYR A 70 16.16 -8.01 0.78
C TYR A 70 16.31 -8.53 2.18
N ILE A 71 15.61 -7.85 3.08
CA ILE A 71 15.43 -8.34 4.42
C ILE A 71 13.94 -8.21 4.74
N SER A 72 13.44 -9.13 5.55
CA SER A 72 12.05 -9.12 5.92
C SER A 72 11.94 -9.22 7.42
N LEU A 73 10.85 -8.72 7.93
CA LEU A 73 10.40 -8.89 9.32
C LEU A 73 9.00 -9.45 9.31
N LEU A 74 8.82 -10.56 9.98
CA LEU A 74 7.52 -11.14 10.17
C LEU A 74 7.15 -11.05 11.63
N ILE A 75 5.91 -10.65 11.88
CA ILE A 75 5.40 -10.55 13.24
C ILE A 75 4.25 -11.50 13.33
N ARG A 76 4.39 -12.56 14.12
CA ARG A 76 3.29 -13.46 14.45
C ARG A 76 2.39 -12.88 15.51
N ASP A 77 1.10 -13.25 15.43
CA ASP A 77 0.17 -12.98 16.52
C ASP A 77 0.20 -11.48 16.80
N SER A 78 0.03 -10.68 15.75
CA SER A 78 0.15 -9.26 15.84
C SER A 78 -0.72 -8.68 16.97
N LYS A 79 -0.13 -7.76 17.73
CA LYS A 79 -0.80 -7.14 18.84
C LYS A 79 -1.03 -5.69 18.56
N LEU A 80 -2.02 -5.12 19.21
CA LEU A 80 -2.20 -3.68 19.12
C LEU A 80 -0.97 -2.91 19.55
N SER A 81 -0.26 -3.39 20.56
CA SER A 81 0.98 -2.74 20.96
C SER A 81 2.09 -2.86 19.90
N ASP A 82 1.94 -3.72 18.88
CA ASP A 82 2.90 -3.74 17.76
C ASP A 82 2.70 -2.59 16.74
N SER A 83 1.63 -1.79 16.86
CA SER A 83 1.42 -0.66 15.94
C SER A 83 2.49 0.40 16.22
N ALA A 84 3.22 0.80 15.17
CA ALA A 84 4.46 1.54 15.29
C ALA A 84 5.03 1.76 13.84
N THR A 85 5.99 2.62 13.71
CA THR A 85 6.80 2.69 12.49
C THR A 85 7.97 1.69 12.59
N TYR A 86 8.17 0.90 11.58
CA TYR A 86 9.23 -0.13 11.57
C TYR A 86 10.27 0.31 10.56
N LEU A 87 11.55 0.35 10.96
CA LEU A 87 12.57 0.93 10.13
C LEU A 87 13.62 -0.08 9.93
N CYS A 88 14.01 -0.31 8.70
N CYS A 88 14.02 -0.30 8.69
CA CYS A 88 15.12 -1.18 8.43
CA CYS A 88 15.11 -1.18 8.41
C CYS A 88 16.39 -0.33 8.25
C CYS A 88 16.39 -0.33 8.24
N ALA A 89 17.53 -0.92 8.59
CA ALA A 89 18.80 -0.25 8.48
C ALA A 89 19.88 -1.21 8.03
N VAL A 90 20.79 -0.71 7.25
CA VAL A 90 21.86 -1.53 6.76
C VAL A 90 23.17 -0.82 7.10
N ARG A 91 24.16 -1.60 7.48
CA ARG A 91 25.55 -1.20 7.62
C ARG A 91 26.29 -1.91 6.49
N THR A 92 26.85 -1.12 5.60
CA THR A 92 27.85 -1.68 4.67
C THR A 92 29.21 -1.80 5.36
N ASN A 93 29.92 -2.90 5.19
CA ASN A 93 31.26 -3.08 5.84
C ASN A 93 31.28 -2.82 7.39
N SER A 94 32.43 -2.72 8.06
CA SER A 94 32.51 -2.87 9.53
C SER A 94 32.52 -1.51 10.23
N GLY A 95 31.82 -1.41 11.35
CA GLY A 95 31.77 -0.16 12.12
C GLY A 95 31.22 1.12 11.50
N TYR A 96 30.66 1.04 10.28
CA TYR A 96 30.17 2.19 9.57
C TYR A 96 28.89 2.63 10.32
N ALA A 97 28.31 3.74 9.89
CA ALA A 97 27.03 4.10 10.37
C ALA A 97 25.92 3.39 9.60
N LEU A 98 24.78 3.33 10.26
CA LEU A 98 23.56 2.76 9.68
C LEU A 98 22.88 3.69 8.66
N ASN A 99 22.46 3.15 7.52
CA ASN A 99 21.55 3.80 6.60
C ASN A 99 20.21 3.24 6.83
N PHE A 100 19.30 4.12 7.06
CA PHE A 100 17.95 3.78 7.41
C PHE A 100 17.05 3.93 6.21
N GLY A 101 16.08 3.04 6.06
CA GLY A 101 14.93 3.38 5.20
C GLY A 101 13.98 4.36 5.84
N LYS A 102 12.96 4.73 5.07
CA LYS A 102 12.07 5.76 5.43
C LYS A 102 11.08 5.36 6.53
N GLY A 103 10.95 4.06 6.82
CA GLY A 103 10.00 3.60 7.78
C GLY A 103 8.65 3.23 7.18
N THR A 104 8.10 2.13 7.66
CA THR A 104 6.74 1.67 7.32
C THR A 104 5.87 1.75 8.57
N SER A 105 4.85 2.55 8.50
CA SER A 105 3.85 2.60 9.56
C SER A 105 2.95 1.35 9.54
N LEU A 106 2.88 0.63 10.65
CA LEU A 106 2.01 -0.53 10.78
C LEU A 106 0.91 -0.31 11.77
N LEU A 107 -0.30 -0.59 11.34
CA LEU A 107 -1.54 -0.42 12.14
C LEU A 107 -2.14 -1.77 12.36
N VAL A 108 -2.12 -2.25 13.58
CA VAL A 108 -2.74 -3.46 13.92
C VAL A 108 -4.19 -3.20 14.33
N THR A 109 -5.12 -3.87 13.68
CA THR A 109 -6.53 -3.47 13.74
C THR A 109 -7.35 -4.52 14.44
N PRO A 110 -7.99 -4.19 15.56
CA PRO A 110 -8.79 -5.24 16.24
C PRO A 110 -10.09 -5.54 15.54
N HIS A 111 -10.61 -6.75 15.73
CA HIS A 111 -11.97 -7.06 15.39
C HIS A 111 -12.91 -6.56 16.49
N ILE A 112 -13.88 -5.74 16.13
CA ILE A 112 -14.83 -5.22 17.13
C ILE A 112 -15.95 -6.24 17.31
N GLN A 113 -16.02 -6.81 18.51
CA GLN A 113 -16.93 -7.91 18.80
C GLN A 113 -18.39 -7.50 18.64
N LYS A 114 -18.78 -6.35 19.18
CA LYS A 114 -20.17 -5.92 19.08
C LYS A 114 -20.25 -4.46 18.64
N PRO A 115 -20.09 -4.18 17.32
CA PRO A 115 -20.15 -2.80 16.78
C PRO A 115 -21.40 -2.09 17.21
N ASP A 116 -21.28 -0.85 17.63
CA ASP A 116 -22.41 -0.09 18.14
C ASP A 116 -22.20 1.37 17.76
N PRO A 117 -22.09 1.64 16.45
CA PRO A 117 -21.60 2.94 16.02
C PRO A 117 -22.49 4.07 16.50
N ALA A 118 -21.91 5.09 17.11
CA ALA A 118 -22.69 6.18 17.68
C ALA A 118 -21.88 7.47 17.62
N VAL A 119 -22.58 8.58 17.46
CA VAL A 119 -22.00 9.90 17.67
C VAL A 119 -22.64 10.51 18.93
N TYR A 120 -21.83 10.91 19.89
CA TYR A 120 -22.31 11.55 21.13
C TYR A 120 -21.74 12.94 21.21
N GLN A 121 -22.45 13.81 21.90
CA GLN A 121 -21.92 15.12 22.26
C GLN A 121 -21.45 15.16 23.74
N LEU A 122 -20.25 15.64 23.98
CA LEU A 122 -19.65 15.74 25.36
C LEU A 122 -19.48 17.20 25.74
N ARG A 123 -19.95 17.63 26.90
CA ARG A 123 -19.75 19.03 27.36
C ARG A 123 -18.49 19.22 28.20
N ASP A 124 -17.89 20.40 28.09
CA ASP A 124 -16.73 20.81 28.89
C ASP A 124 -17.15 20.76 30.34
N SER A 125 -16.30 20.17 31.18
CA SER A 125 -16.58 20.07 32.64
C SER A 125 -16.55 21.43 33.30
N LYS A 126 -16.03 22.43 32.63
CA LYS A 126 -15.82 23.75 33.19
C LYS A 126 -16.78 24.78 32.55
N SER A 127 -17.32 24.56 31.37
CA SER A 127 -18.50 25.39 30.95
C SER A 127 -19.33 24.66 29.88
N SER A 128 -20.67 24.75 29.99
CA SER A 128 -21.58 23.93 29.15
C SER A 128 -21.45 24.30 27.65
N ASP A 129 -21.40 25.61 27.35
CA ASP A 129 -21.21 26.17 25.98
C ASP A 129 -20.18 25.53 25.04
N LYS A 130 -19.08 24.99 25.57
CA LYS A 130 -18.11 24.29 24.72
C LYS A 130 -18.32 22.79 24.76
N SER A 131 -18.21 22.17 23.60
CA SER A 131 -18.41 20.75 23.49
C SER A 131 -17.61 20.16 22.35
N VAL A 132 -17.61 18.84 22.33
CA VAL A 132 -16.90 18.03 21.40
C VAL A 132 -17.86 16.91 20.94
N CYS A 133 -17.65 16.34 19.75
CA CYS A 133 -18.38 15.17 19.25
C CYS A 133 -17.50 13.95 19.24
N LEU A 134 -18.03 12.83 19.70
CA LEU A 134 -17.31 11.59 19.79
C LEU A 134 -18.02 10.56 18.92
N PHE A 135 -17.37 10.09 17.85
CA PHE A 135 -17.86 9.02 16.99
C PHE A 135 -17.21 7.80 17.56
N THR A 136 -17.97 6.80 17.95
CA THR A 136 -17.41 5.69 18.66
C THR A 136 -18.08 4.37 18.38
N ASP A 137 -17.37 3.31 18.74
CA ASP A 137 -17.91 1.94 18.73
C ASP A 137 -18.18 1.41 17.32
N PHE A 138 -17.68 2.12 16.29
CA PHE A 138 -17.71 1.64 14.90
C PHE A 138 -16.70 0.51 14.65
N ASP A 139 -16.96 -0.26 13.62
CA ASP A 139 -16.14 -1.40 13.31
C ASP A 139 -14.84 -0.88 12.62
N SER A 140 -13.88 -1.80 12.55
CA SER A 140 -12.55 -1.45 12.06
C SER A 140 -12.50 -1.24 10.56
N GLN A 141 -13.56 -1.52 9.82
CA GLN A 141 -13.65 -1.13 8.40
C GLN A 141 -14.09 0.30 8.13
N THR A 142 -14.60 0.99 9.14
CA THR A 142 -15.03 2.37 8.97
C THR A 142 -13.80 3.27 8.89
N ASN A 143 -13.70 3.95 7.78
CA ASN A 143 -12.75 5.03 7.57
C ASN A 143 -13.33 6.28 8.19
N VAL A 144 -12.50 7.02 8.91
CA VAL A 144 -12.84 8.36 9.36
C VAL A 144 -12.17 9.33 8.41
N SER A 145 -12.94 10.28 7.90
CA SER A 145 -12.46 11.21 6.90
C SER A 145 -11.99 12.47 7.57
N GLN A 146 -10.93 13.02 7.00
CA GLN A 146 -10.43 14.33 7.38
C GLN A 146 -11.50 15.34 7.00
N SER A 147 -11.68 16.37 7.83
CA SER A 147 -12.74 17.35 7.61
C SER A 147 -12.54 18.08 6.28
N LYS A 148 -13.64 18.50 5.65
CA LYS A 148 -13.53 19.48 4.58
C LYS A 148 -13.30 20.86 5.19
N ASP A 149 -14.23 21.27 6.04
CA ASP A 149 -14.28 22.64 6.58
C ASP A 149 -13.02 22.92 7.42
N SER A 150 -12.35 24.07 7.17
CA SER A 150 -11.12 24.45 7.92
C SER A 150 -11.39 24.86 9.39
N ASP A 151 -12.64 25.21 9.73
CA ASP A 151 -13.04 25.49 11.11
C ASP A 151 -13.65 24.30 11.85
N VAL A 152 -13.68 23.12 11.21
CA VAL A 152 -14.06 21.89 11.84
C VAL A 152 -12.86 20.93 11.86
N TYR A 153 -12.52 20.41 13.03
CA TYR A 153 -11.37 19.53 13.23
C TYR A 153 -11.84 18.13 13.55
N ILE A 154 -11.28 17.15 12.86
CA ILE A 154 -11.60 15.77 13.04
C ILE A 154 -10.31 14.95 13.21
N THR A 155 -10.24 14.15 14.27
CA THR A 155 -9.01 13.38 14.50
C THR A 155 -9.06 12.11 13.71
N ASP A 156 -7.93 11.47 13.58
CA ASP A 156 -7.90 10.13 13.13
C ASP A 156 -8.57 9.24 14.16
N LYS A 157 -8.86 8.05 13.70
CA LYS A 157 -9.37 6.96 14.51
C LYS A 157 -8.31 6.58 15.55
N CYS A 158 -8.68 6.32 16.80
N CYS A 158 -8.72 6.25 16.76
CA CYS A 158 -7.73 5.62 17.67
CA CYS A 158 -7.80 5.78 17.77
C CYS A 158 -8.40 4.47 18.39
C CYS A 158 -8.39 4.50 18.40
N VAL A 159 -7.58 3.49 18.73
CA VAL A 159 -8.09 2.30 19.35
C VAL A 159 -7.74 2.34 20.84
N LEU A 160 -8.72 2.19 21.71
CA LEU A 160 -8.45 2.07 23.14
C LEU A 160 -8.75 0.66 23.61
N ASP A 161 -8.00 0.20 24.61
CA ASP A 161 -8.10 -1.13 25.14
C ASP A 161 -8.39 -1.05 26.65
N MET A 162 -9.62 -1.39 27.05
CA MET A 162 -9.99 -1.58 28.49
C MET A 162 -9.57 -2.95 28.91
N ARG A 163 -8.39 -3.02 29.49
CA ARG A 163 -7.62 -4.25 29.55
C ARG A 163 -8.24 -5.27 30.47
N SER A 164 -8.81 -4.84 31.59
CA SER A 164 -9.33 -5.80 32.55
C SER A 164 -10.62 -6.46 32.05
N MET A 165 -11.32 -5.81 31.11
CA MET A 165 -12.48 -6.45 30.49
C MET A 165 -12.29 -6.90 29.05
N ASP A 166 -11.04 -6.93 28.62
CA ASP A 166 -10.63 -7.28 27.26
C ASP A 166 -11.59 -6.70 26.21
N PHE A 167 -11.77 -5.38 26.25
CA PHE A 167 -12.75 -4.71 25.41
C PHE A 167 -12.02 -3.66 24.58
N LYS A 168 -12.19 -3.71 23.27
CA LYS A 168 -11.56 -2.73 22.40
C LYS A 168 -12.59 -1.90 21.72
N SER A 169 -12.28 -0.61 21.53
CA SER A 169 -13.17 0.27 20.82
C SER A 169 -12.41 1.36 20.07
N ASN A 170 -12.97 1.72 18.92
CA ASN A 170 -12.46 2.73 18.04
C ASN A 170 -13.17 3.98 18.40
N SER A 171 -12.50 5.12 18.25
CA SER A 171 -13.16 6.44 18.36
C SER A 171 -12.48 7.48 17.45
N ALA A 172 -13.21 8.52 17.14
CA ALA A 172 -12.67 9.71 16.57
C ALA A 172 -13.39 10.88 17.21
N VAL A 173 -12.75 12.02 17.24
CA VAL A 173 -13.27 13.20 17.92
C VAL A 173 -13.31 14.30 16.92
N ALA A 174 -14.33 15.14 17.05
CA ALA A 174 -14.51 16.29 16.20
C ALA A 174 -14.99 17.46 17.02
N TRP A 175 -14.60 18.64 16.59
CA TRP A 175 -15.02 19.83 17.27
C TRP A 175 -14.86 21.01 16.37
N SER A 176 -15.49 22.11 16.75
CA SER A 176 -15.49 23.36 16.02
C SER A 176 -15.77 24.53 16.95
N ASN A 177 -15.55 25.76 16.44
CA ASN A 177 -15.85 26.99 17.20
C ASN A 177 -17.03 27.76 16.67
N LYS A 178 -17.33 27.64 15.39
CA LYS A 178 -18.59 28.16 14.85
C LYS A 178 -19.79 27.46 15.51
N SER A 179 -20.87 28.22 15.75
CA SER A 179 -22.12 27.71 16.35
C SER A 179 -22.94 26.86 15.37
N ASP A 180 -22.97 27.28 14.09
CA ASP A 180 -23.47 26.44 12.97
C ASP A 180 -23.21 24.95 13.08
N PHE A 181 -22.15 24.58 13.80
CA PHE A 181 -21.74 23.19 13.99
C PHE A 181 -22.70 22.37 14.89
N ALA A 182 -23.02 21.16 14.42
CA ALA A 182 -23.82 20.19 15.16
C ALA A 182 -23.21 18.83 14.93
N CYS A 183 -23.26 17.98 15.95
CA CYS A 183 -22.65 16.64 15.89
C CYS A 183 -23.31 15.68 14.89
N ALA A 184 -24.61 15.83 14.62
CA ALA A 184 -25.20 15.15 13.48
C ALA A 184 -24.44 15.44 12.17
N ASN A 185 -24.06 16.70 11.95
CA ASN A 185 -23.28 17.14 10.75
C ASN A 185 -21.85 16.59 10.78
N ALA A 186 -21.24 16.68 11.96
CA ALA A 186 -19.81 16.40 12.21
C ALA A 186 -19.09 15.41 11.31
N PHE A 187 -19.50 14.14 11.30
CA PHE A 187 -18.80 13.12 10.53
C PHE A 187 -19.43 12.78 9.15
N ASN A 188 -20.30 13.64 8.60
CA ASN A 188 -20.89 13.44 7.23
C ASN A 188 -19.83 13.23 6.13
N ASN A 189 -18.74 14.00 6.17
CA ASN A 189 -17.56 13.82 5.27
C ASN A 189 -17.06 12.36 5.13
N SER A 190 -17.27 11.54 6.17
CA SER A 190 -16.91 10.11 6.25
C SER A 190 -18.09 9.26 5.76
N ILE A 191 -17.83 8.13 5.06
CA ILE A 191 -18.89 7.11 4.82
C ILE A 191 -19.12 6.36 6.17
N ILE A 192 -20.22 6.75 6.85
CA ILE A 192 -20.62 6.29 8.20
C ILE A 192 -21.49 5.02 8.08
N PRO A 193 -21.37 4.06 9.05
CA PRO A 193 -22.30 2.92 9.02
C PRO A 193 -23.79 3.40 9.05
N GLU A 194 -24.68 2.82 8.23
CA GLU A 194 -26.10 3.27 8.17
C GLU A 194 -26.89 3.11 9.49
N ASP A 195 -26.55 2.07 10.25
CA ASP A 195 -27.08 1.82 11.59
C ASP A 195 -26.49 2.72 12.74
N THR A 196 -25.94 3.90 12.43
CA THR A 196 -25.31 4.79 13.46
C THR A 196 -26.32 5.54 14.40
N PHE A 197 -26.10 5.39 15.71
CA PHE A 197 -26.90 6.02 16.76
C PHE A 197 -26.55 7.54 16.87
N PHE A 198 -27.57 8.41 16.83
CA PHE A 198 -27.43 9.87 16.94
C PHE A 198 -28.48 10.39 17.92
N PRO A 199 -28.23 10.29 19.23
CA PRO A 199 -29.22 10.76 20.23
C PRO A 199 -29.34 12.31 20.31
N SER A 200 -28.19 12.98 20.34
CA SER A 200 -28.01 14.43 20.32
C SER A 200 -26.51 14.80 20.49
N ASP B 1 21.90 8.19 33.52
CA ASP B 1 21.60 6.82 32.99
C ASP B 1 22.86 6.16 32.42
N ALA B 2 23.04 4.85 32.67
CA ALA B 2 24.07 4.05 31.95
C ALA B 2 23.75 3.86 30.45
N GLY B 3 22.48 4.08 30.01
CA GLY B 3 22.00 4.21 28.56
C GLY B 3 22.50 5.42 27.80
N VAL B 4 22.05 5.65 26.57
CA VAL B 4 22.46 6.81 25.82
C VAL B 4 21.70 8.02 26.37
N THR B 5 22.39 9.08 26.71
CA THR B 5 21.71 10.26 27.22
C THR B 5 22.03 11.46 26.28
N GLN B 6 21.11 12.38 26.23
CA GLN B 6 21.25 13.52 25.38
C GLN B 6 20.73 14.67 26.14
N SER B 7 21.20 15.86 25.82
CA SER B 7 20.62 17.05 26.36
C SER B 7 20.87 18.14 25.31
N PRO B 8 20.04 19.19 25.32
CA PRO B 8 18.86 19.26 26.20
C PRO B 8 17.65 18.46 25.57
N THR B 9 16.48 18.41 26.21
CA THR B 9 15.31 17.63 25.70
C THR B 9 14.77 18.34 24.47
N HIS B 10 14.80 19.67 24.49
CA HIS B 10 14.25 20.42 23.35
C HIS B 10 14.90 21.77 23.33
N LEU B 11 14.79 22.41 22.19
CA LEU B 11 15.28 23.73 21.91
C LEU B 11 14.33 24.40 20.94
N ILE B 12 14.12 25.68 21.16
CA ILE B 12 13.35 26.52 20.30
C ILE B 12 14.26 27.68 19.98
N LYS B 13 14.48 27.94 18.69
CA LYS B 13 15.39 28.94 18.23
C LYS B 13 14.81 29.65 17.05
N THR B 14 15.42 30.78 16.72
CA THR B 14 15.06 31.53 15.51
C THR B 14 16.15 31.40 14.46
N ARG B 15 15.84 31.85 13.27
CA ARG B 15 16.69 31.69 12.13
C ARG B 15 17.99 32.40 12.36
N GLY B 16 19.07 31.75 12.01
CA GLY B 16 20.34 32.41 12.09
C GLY B 16 21.03 32.13 13.38
N GLN B 17 20.36 31.56 14.38
CA GLN B 17 21.00 31.28 15.65
C GLN B 17 21.79 29.98 15.54
N GLN B 18 22.37 29.55 16.65
CA GLN B 18 23.07 28.33 16.68
C GLN B 18 22.76 27.54 17.94
N VAL B 19 23.00 26.24 17.84
CA VAL B 19 22.81 25.36 18.92
C VAL B 19 23.96 24.38 19.06
N THR B 20 24.12 23.90 20.28
CA THR B 20 24.99 22.76 20.60
C THR B 20 24.17 21.70 21.29
N LEU B 21 24.19 20.50 20.79
CA LEU B 21 23.56 19.37 21.40
C LEU B 21 24.59 18.42 21.97
N ARG B 22 24.23 17.74 23.02
CA ARG B 22 25.21 16.91 23.79
C ARG B 22 24.69 15.48 23.84
N CYS B 23 25.61 14.57 23.78
CA CYS B 23 25.37 13.18 23.80
C CYS B 23 26.45 12.48 24.65
N SER B 24 26.03 11.54 25.47
CA SER B 24 26.91 10.55 26.09
C SER B 24 26.51 9.18 25.66
N PRO B 25 27.48 8.41 25.13
CA PRO B 25 27.13 7.08 24.69
C PRO B 25 26.85 6.20 25.87
N LYS B 26 26.22 5.08 25.60
CA LYS B 26 26.00 4.08 26.56
C LYS B 26 27.32 3.63 27.18
N GLN B 27 27.33 3.28 28.47
CA GLN B 27 28.56 2.82 29.10
C GLN B 27 29.03 1.57 28.35
N GLY B 28 30.31 1.50 28.03
CA GLY B 28 30.87 0.46 27.19
C GLY B 28 30.87 0.77 25.69
N HIS B 29 30.28 1.86 25.24
CA HIS B 29 30.36 2.23 23.85
C HIS B 29 31.33 3.39 23.67
N ASP B 30 32.05 3.38 22.54
CA ASP B 30 33.07 4.37 22.21
C ASP B 30 32.83 5.14 20.90
N THR B 31 31.76 4.83 20.16
CA THR B 31 31.47 5.43 18.86
C THR B 31 30.16 6.16 18.97
N VAL B 32 30.06 7.37 18.48
CA VAL B 32 28.81 8.04 18.42
C VAL B 32 28.46 8.51 17.03
N SER B 33 27.19 8.36 16.69
CA SER B 33 26.63 8.66 15.35
C SER B 33 25.47 9.62 15.61
N TRP B 34 25.40 10.72 14.84
CA TRP B 34 24.32 11.64 14.94
C TRP B 34 23.43 11.52 13.71
N TYR B 35 22.14 11.70 13.89
CA TYR B 35 21.17 11.59 12.85
C TYR B 35 20.11 12.69 13.02
N GLN B 36 19.53 13.11 11.89
CA GLN B 36 18.41 14.04 11.86
C GLN B 36 17.18 13.30 11.38
N GLN B 37 16.07 13.41 12.08
CA GLN B 37 14.85 12.74 11.68
C GLN B 37 13.72 13.80 11.59
N ALA B 38 13.22 14.03 10.37
CA ALA B 38 11.99 14.75 10.07
C ALA B 38 10.80 13.91 10.26
N LEU B 39 9.66 14.54 10.50
CA LEU B 39 8.39 13.79 10.59
C LEU B 39 8.08 12.95 9.33
N GLY B 40 7.71 11.71 9.53
CA GLY B 40 7.46 10.77 8.45
C GLY B 40 8.67 10.27 7.67
N GLN B 41 9.87 10.45 8.20
CA GLN B 41 11.09 10.03 7.51
C GLN B 41 11.93 9.23 8.45
N GLY B 42 12.88 8.55 7.86
CA GLY B 42 13.86 7.81 8.58
C GLY B 42 14.96 8.70 9.06
N PRO B 43 15.67 8.27 10.06
CA PRO B 43 16.76 9.05 10.59
C PRO B 43 17.84 9.24 9.45
N GLN B 44 18.30 10.44 9.21
CA GLN B 44 19.28 10.69 8.19
C GLN B 44 20.62 10.92 8.85
N PHE B 45 21.63 10.21 8.37
CA PHE B 45 22.96 10.21 8.99
C PHE B 45 23.71 11.55 8.83
N ILE B 46 24.19 12.12 9.95
CA ILE B 46 24.95 13.34 9.89
C ILE B 46 26.45 13.03 9.91
N PHE B 47 26.92 12.42 10.98
CA PHE B 47 28.31 11.98 11.08
C PHE B 47 28.51 10.98 12.20
N GLN B 48 29.65 10.31 12.15
CA GLN B 48 30.03 9.38 13.18
C GLN B 48 31.44 9.72 13.66
N TYR B 49 31.64 9.61 14.95
CA TYR B 49 32.89 9.93 15.65
C TYR B 49 33.37 8.70 16.37
N TYR B 50 34.64 8.37 16.14
CA TYR B 50 35.35 7.34 16.92
C TYR B 50 36.79 7.84 17.16
N GLU B 51 37.29 7.64 18.38
CA GLU B 51 38.61 8.09 18.83
C GLU B 51 38.84 9.53 18.43
N GLU B 52 37.86 10.35 18.73
CA GLU B 52 37.84 11.76 18.47
C GLU B 52 37.90 12.21 17.01
N GLU B 53 37.68 11.32 16.05
CA GLU B 53 37.66 11.73 14.62
C GLU B 53 36.33 11.55 13.97
N GLU B 54 36.03 12.41 13.04
CA GLU B 54 34.87 12.29 12.21
C GLU B 54 35.21 11.26 11.16
N ARG B 55 34.64 10.08 11.33
CA ARG B 55 35.02 8.90 10.54
C ARG B 55 34.19 8.78 9.31
N GLN B 56 32.98 9.33 9.34
CA GLN B 56 32.08 9.35 8.20
C GLN B 56 31.17 10.55 8.39
N ARG B 57 30.74 11.10 7.28
CA ARG B 57 29.87 12.23 7.28
C ARG B 57 28.82 11.96 6.19
N GLY B 58 27.60 12.36 6.46
CA GLY B 58 26.56 12.13 5.50
C GLY B 58 26.40 13.42 4.67
N ASN B 59 25.22 13.61 4.14
CA ASN B 59 24.95 14.70 3.17
C ASN B 59 24.53 15.96 3.91
N PHE B 60 25.39 16.50 4.77
CA PHE B 60 25.06 17.63 5.58
C PHE B 60 26.08 18.73 5.36
N PRO B 61 25.62 19.96 5.14
CA PRO B 61 26.57 21.07 4.89
C PRO B 61 27.45 21.44 6.10
N ASP B 62 28.40 22.30 5.82
CA ASP B 62 29.44 22.70 6.76
C ASP B 62 28.91 23.40 8.04
N ARG B 63 27.71 23.93 8.07
CA ARG B 63 27.15 24.40 9.31
C ARG B 63 26.82 23.39 10.37
N PHE B 64 26.85 22.08 10.04
CA PHE B 64 26.77 20.96 10.99
C PHE B 64 28.21 20.54 11.29
N SER B 65 28.66 20.74 12.53
CA SER B 65 30.01 20.33 12.92
C SER B 65 29.87 19.55 14.15
N GLY B 66 30.89 18.76 14.38
CA GLY B 66 30.86 17.89 15.50
C GLY B 66 32.10 17.79 16.27
N HIS B 67 32.00 17.13 17.41
CA HIS B 67 33.19 16.92 18.23
C HIS B 67 32.96 15.70 19.12
N GLN B 68 34.01 14.93 19.38
CA GLN B 68 33.99 13.87 20.36
C GLN B 68 35.21 14.07 21.26
N PHE B 69 34.95 14.02 22.58
CA PHE B 69 35.91 14.29 23.59
C PHE B 69 36.58 12.98 23.96
N PRO B 70 37.66 13.05 24.72
CA PRO B 70 38.36 11.84 25.16
C PRO B 70 37.52 10.88 25.98
N ASN B 71 36.53 11.39 26.74
CA ASN B 71 35.62 10.50 27.47
C ASN B 71 34.49 9.91 26.60
N TYR B 72 34.63 9.94 25.30
CA TYR B 72 33.66 9.41 24.36
C TYR B 72 32.40 10.22 24.10
N SER B 73 32.09 11.20 24.93
CA SER B 73 30.90 12.03 24.76
C SER B 73 31.10 12.93 23.56
N SER B 74 29.99 13.47 23.06
CA SER B 74 30.00 14.12 21.76
C SER B 74 29.14 15.36 21.76
N GLU B 75 29.42 16.29 20.85
CA GLU B 75 28.55 17.47 20.65
C GLU B 75 28.27 17.57 19.18
N LEU B 76 27.05 18.03 18.88
CA LEU B 76 26.66 18.45 17.53
C LEU B 76 26.41 19.94 17.59
N ASN B 77 27.12 20.72 16.80
CA ASN B 77 26.89 22.16 16.73
C ASN B 77 26.25 22.42 15.34
N VAL B 78 25.13 23.16 15.34
CA VAL B 78 24.53 23.62 14.12
C VAL B 78 24.43 25.12 14.17
N ASN B 79 24.96 25.79 13.16
CA ASN B 79 24.79 27.21 13.12
C ASN B 79 24.01 27.64 11.88
N ALA B 80 23.75 28.92 11.84
CA ALA B 80 23.05 29.59 10.77
C ALA B 80 21.78 28.80 10.55
N LEU B 81 21.05 28.61 11.65
CA LEU B 81 19.89 27.76 11.63
C LEU B 81 18.84 28.22 10.61
N LEU B 82 18.25 27.25 9.93
CA LEU B 82 17.18 27.48 8.94
C LEU B 82 15.93 26.82 9.45
N LEU B 83 14.79 27.26 8.94
CA LEU B 83 13.50 26.75 9.35
C LEU B 83 13.44 25.26 9.11
N GLY B 84 14.06 24.79 8.02
CA GLY B 84 14.07 23.37 7.69
C GLY B 84 14.94 22.49 8.61
N ASP B 85 15.69 23.08 9.55
CA ASP B 85 16.44 22.31 10.50
C ASP B 85 15.60 21.74 11.64
N SER B 86 14.32 22.17 11.73
CA SER B 86 13.40 21.67 12.73
C SER B 86 13.28 20.14 12.57
N ALA B 87 13.57 19.37 13.63
CA ALA B 87 13.70 17.94 13.53
C ALA B 87 14.01 17.36 14.90
N LEU B 88 13.92 16.05 14.96
CA LEU B 88 14.44 15.30 16.11
C LEU B 88 15.89 14.97 15.82
N TYR B 89 16.77 15.38 16.69
CA TYR B 89 18.20 15.07 16.53
C TYR B 89 18.56 13.90 17.44
N LEU B 90 18.99 12.81 16.83
CA LEU B 90 19.26 11.60 17.56
C LEU B 90 20.73 11.33 17.56
N CYS B 91 21.18 10.88 18.70
CA CYS B 91 22.48 10.43 18.98
C CYS B 91 22.37 8.89 19.04
N ALA B 92 23.29 8.14 18.50
CA ALA B 92 23.31 6.68 18.64
C ALA B 92 24.73 6.19 19.01
N SER B 93 24.84 5.23 19.91
CA SER B 93 26.16 4.80 20.30
C SER B 93 26.38 3.35 19.92
N SER B 94 27.63 3.00 19.67
CA SER B 94 27.98 1.69 19.30
C SER B 94 29.38 1.43 19.73
N ASP B 95 29.85 0.22 19.48
CA ASP B 95 31.25 -0.09 19.74
C ASP B 95 31.89 -0.76 18.52
N THR B 96 33.16 -1.11 18.63
CA THR B 96 33.89 -1.56 17.44
C THR B 96 33.80 -3.09 17.23
N VAL B 97 33.47 -3.82 18.30
CA VAL B 97 33.20 -5.26 18.28
C VAL B 97 31.77 -5.82 18.05
N SER B 98 30.72 -5.15 18.47
CA SER B 98 29.37 -5.61 18.39
C SER B 98 28.57 -5.03 17.22
N TYR B 99 27.45 -5.66 17.02
CA TYR B 99 26.40 -5.21 16.12
C TYR B 99 25.27 -4.62 17.07
N GLU B 100 25.44 -3.33 17.38
CA GLU B 100 24.50 -2.61 18.23
C GLU B 100 24.66 -1.12 17.98
N GLN B 101 23.85 -0.42 17.15
CA GLN B 101 23.65 1.00 17.33
C GLN B 101 22.39 1.26 18.17
N TYR B 102 22.53 1.97 19.30
CA TYR B 102 21.39 2.28 20.15
C TYR B 102 21.17 3.75 20.23
N PHE B 103 19.92 4.17 20.10
CA PHE B 103 19.58 5.57 20.04
C PHE B 103 19.35 6.12 21.43
N GLY B 104 19.74 7.35 21.65
CA GLY B 104 19.31 8.10 22.80
C GLY B 104 17.87 8.63 22.66
N PRO B 105 17.42 9.43 23.62
CA PRO B 105 16.03 9.88 23.59
C PRO B 105 15.83 11.06 22.64
N GLY B 106 16.86 11.61 22.04
CA GLY B 106 16.68 12.65 21.06
C GLY B 106 16.56 14.06 21.65
N THR B 107 16.86 15.06 20.86
CA THR B 107 16.63 16.44 21.17
C THR B 107 15.74 16.99 20.06
N ARG B 108 14.59 17.54 20.43
CA ARG B 108 13.70 18.16 19.46
C ARG B 108 14.06 19.62 19.23
N LEU B 109 14.40 20.02 18.01
CA LEU B 109 14.69 21.35 17.70
C LEU B 109 13.56 21.88 16.89
N THR B 110 13.06 23.04 17.29
CA THR B 110 12.20 23.86 16.46
C THR B 110 12.92 25.15 16.11
N VAL B 111 13.03 25.43 14.83
CA VAL B 111 13.51 26.72 14.44
C VAL B 111 12.27 27.42 13.94
N THR B 112 11.93 28.57 14.52
CA THR B 112 10.73 29.30 14.13
C THR B 112 11.12 30.70 13.72
N GLU B 113 10.19 31.45 13.11
CA GLU B 113 10.48 32.83 12.64
C GLU B 113 10.64 33.79 13.79
N ASP B 114 9.85 33.61 14.84
CA ASP B 114 9.79 34.54 15.96
C ASP B 114 9.35 33.78 17.22
N LEU B 115 9.96 34.05 18.38
CA LEU B 115 9.51 33.44 19.65
C LEU B 115 8.07 33.82 20.02
N LYS B 116 7.51 34.86 19.44
CA LYS B 116 6.09 35.16 19.63
C LYS B 116 5.16 34.14 18.93
N ASN B 117 5.69 33.18 18.14
CA ASN B 117 4.92 32.05 17.66
C ASN B 117 4.70 30.96 18.70
N VAL B 118 5.40 31.03 19.81
CA VAL B 118 5.33 30.01 20.82
C VAL B 118 4.14 30.22 21.76
N PHE B 119 3.29 29.19 21.91
CA PHE B 119 2.10 29.24 22.81
C PHE B 119 1.94 27.95 23.58
N PRO B 120 1.60 28.07 24.86
CA PRO B 120 1.32 26.82 25.60
C PRO B 120 -0.07 26.32 25.27
N PRO B 121 -0.39 25.06 25.58
CA PRO B 121 -1.72 24.56 25.36
C PRO B 121 -2.74 25.08 26.35
N GLU B 122 -3.98 25.24 25.90
CA GLU B 122 -5.13 25.26 26.79
C GLU B 122 -5.69 23.84 26.75
N VAL B 123 -6.24 23.42 27.86
CA VAL B 123 -6.63 22.05 28.09
C VAL B 123 -8.03 22.08 28.71
N ALA B 124 -8.91 21.22 28.22
CA ALA B 124 -10.24 21.08 28.77
C ALA B 124 -10.62 19.60 28.70
N VAL B 125 -11.37 19.17 29.69
CA VAL B 125 -11.94 17.81 29.74
C VAL B 125 -13.39 17.93 29.45
N PHE B 126 -13.87 17.05 28.60
CA PHE B 126 -15.26 16.96 28.24
C PHE B 126 -15.81 15.67 28.85
N GLU B 127 -16.93 15.80 29.54
CA GLU B 127 -17.58 14.74 30.28
C GLU B 127 -18.39 13.80 29.39
N PRO B 128 -18.51 12.53 29.81
CA PRO B 128 -19.22 11.52 29.00
C PRO B 128 -20.66 11.93 28.83
N SER B 129 -21.27 11.55 27.73
CA SER B 129 -22.69 11.87 27.48
C SER B 129 -23.56 10.85 28.19
N GLU B 130 -24.68 11.30 28.73
CA GLU B 130 -25.62 10.39 29.32
C GLU B 130 -26.14 9.41 28.24
N ALA B 131 -26.28 9.85 26.98
CA ALA B 131 -26.67 8.95 25.86
C ALA B 131 -25.71 7.73 25.76
N GLU B 132 -24.40 7.96 25.91
CA GLU B 132 -23.42 6.88 25.84
C GLU B 132 -23.55 5.92 27.02
N ILE B 133 -23.65 6.49 28.22
CA ILE B 133 -23.83 5.67 29.44
C ILE B 133 -25.06 4.79 29.33
N SER B 134 -26.16 5.34 28.81
CA SER B 134 -27.34 4.51 28.74
C SER B 134 -27.29 3.57 27.55
N HIS B 135 -26.59 3.93 26.49
CA HIS B 135 -26.45 3.03 25.33
C HIS B 135 -25.46 1.90 25.56
N THR B 136 -24.34 2.15 26.24
CA THR B 136 -23.23 1.18 26.36
C THR B 136 -22.80 0.75 27.75
N GLN B 137 -23.26 1.46 28.78
CA GLN B 137 -22.80 1.25 30.11
C GLN B 137 -21.32 1.53 30.23
N LYS B 138 -20.85 2.44 29.38
CA LYS B 138 -19.50 2.92 29.37
C LYS B 138 -19.50 4.42 29.27
N ALA B 139 -18.41 4.99 29.70
CA ALA B 139 -18.30 6.42 29.83
C ALA B 139 -16.96 6.88 29.30
N THR B 140 -16.98 7.65 28.20
CA THR B 140 -15.79 8.16 27.59
C THR B 140 -15.57 9.65 27.94
N LEU B 141 -14.44 9.97 28.56
CA LEU B 141 -14.01 11.35 28.73
C LEU B 141 -13.06 11.71 27.60
N VAL B 142 -13.17 12.92 27.11
CA VAL B 142 -12.22 13.47 26.14
C VAL B 142 -11.42 14.65 26.74
N CYS B 143 -10.13 14.54 26.61
CA CYS B 143 -9.25 15.64 26.92
C CYS B 143 -8.80 16.28 25.59
N LEU B 144 -8.86 17.60 25.51
CA LEU B 144 -8.50 18.37 24.29
C LEU B 144 -7.49 19.46 24.71
N ALA B 145 -6.28 19.39 24.15
CA ALA B 145 -5.23 20.40 24.29
C ALA B 145 -5.14 21.15 22.97
N THR B 146 -5.32 22.46 23.01
CA THR B 146 -5.42 23.22 21.79
C THR B 146 -4.50 24.41 21.87
N GLY B 147 -4.17 24.96 20.72
CA GLY B 147 -3.50 26.23 20.64
C GLY B 147 -2.00 26.24 20.88
N PHE B 148 -1.35 25.10 20.89
CA PHE B 148 0.06 25.06 21.28
C PHE B 148 1.03 25.11 20.09
N TYR B 149 2.19 25.67 20.34
CA TYR B 149 3.31 25.66 19.42
C TYR B 149 4.57 25.81 20.23
N PRO B 150 5.66 25.03 19.97
CA PRO B 150 5.75 23.99 18.94
C PRO B 150 4.93 22.77 19.26
N ASP B 151 4.95 21.76 18.40
CA ASP B 151 3.97 20.69 18.48
C ASP B 151 4.31 19.56 19.46
N HIS B 152 5.17 19.80 20.46
CA HIS B 152 5.48 18.72 21.37
C HIS B 152 4.89 18.87 22.77
N VAL B 153 3.95 18.01 23.05
CA VAL B 153 3.32 17.88 24.34
C VAL B 153 3.32 16.40 24.66
N GLU B 154 3.13 16.05 25.93
CA GLU B 154 2.92 14.69 26.34
C GLU B 154 1.65 14.80 27.26
N LEU B 155 0.69 13.93 27.00
CA LEU B 155 -0.57 13.95 27.63
C LEU B 155 -0.66 12.66 28.46
N SER B 156 -1.08 12.78 29.73
CA SER B 156 -1.34 11.63 30.57
C SER B 156 -2.67 11.82 31.31
N TRP B 157 -3.28 10.71 31.72
CA TRP B 157 -4.43 10.75 32.54
C TRP B 157 -4.16 10.23 33.94
N TRP B 158 -4.82 10.88 34.92
CA TRP B 158 -4.67 10.61 36.32
C TRP B 158 -6.02 10.46 36.98
N VAL B 159 -6.29 9.26 37.51
CA VAL B 159 -7.55 8.97 38.15
C VAL B 159 -7.28 8.74 39.60
N ASN B 160 -7.97 9.50 40.46
CA ASN B 160 -7.74 9.52 41.89
C ASN B 160 -6.26 9.51 42.25
N GLY B 161 -5.50 10.37 41.59
CA GLY B 161 -4.10 10.51 41.90
C GLY B 161 -3.13 9.51 41.31
N LYS B 162 -3.58 8.60 40.45
CA LYS B 162 -2.75 7.55 39.87
C LYS B 162 -2.78 7.61 38.36
N GLU B 163 -1.60 7.56 37.75
CA GLU B 163 -1.54 7.58 36.31
C GLU B 163 -2.18 6.30 35.76
N VAL B 164 -3.01 6.41 34.74
CA VAL B 164 -3.67 5.20 34.20
C VAL B 164 -3.24 5.01 32.72
N HIS B 165 -3.21 3.76 32.26
CA HIS B 165 -2.95 3.44 30.82
C HIS B 165 -4.06 2.64 30.10
N SER B 166 -4.69 1.80 30.88
CA SER B 166 -5.85 1.08 30.45
C SER B 166 -6.98 2.00 30.10
N GLY B 167 -7.67 1.71 29.00
CA GLY B 167 -8.78 2.54 28.51
C GLY B 167 -8.44 3.89 27.90
N VAL B 168 -7.15 4.08 27.58
CA VAL B 168 -6.66 5.35 27.07
C VAL B 168 -6.19 5.25 25.66
N CYS B 169 -6.51 6.24 24.84
N CYS B 169 -6.51 6.26 24.84
CA CYS B 169 -5.86 6.38 23.56
CA CYS B 169 -5.92 6.40 23.55
C CYS B 169 -5.73 7.88 23.27
C CYS B 169 -5.73 7.88 23.28
N THR B 170 -4.53 8.24 22.91
CA THR B 170 -4.19 9.62 22.61
C THR B 170 -3.79 9.64 21.12
N ASP B 171 -4.18 10.69 20.40
CA ASP B 171 -3.86 10.77 19.01
C ASP B 171 -2.31 10.61 18.84
N PRO B 172 -1.86 9.83 17.92
CA PRO B 172 -0.38 9.74 17.81
C PRO B 172 0.23 11.02 17.23
N GLN B 173 -0.51 11.83 16.48
CA GLN B 173 0.02 13.09 15.99
C GLN B 173 -0.87 14.23 16.34
N PRO B 174 -0.30 15.34 16.73
CA PRO B 174 -1.18 16.50 16.87
C PRO B 174 -1.68 16.94 15.53
N LEU B 175 -2.80 17.63 15.48
CA LEU B 175 -3.26 18.13 14.21
C LEU B 175 -3.02 19.66 14.14
N LYS B 176 -2.83 20.15 12.94
CA LYS B 176 -2.56 21.56 12.73
C LYS B 176 -3.85 22.31 12.76
N GLU B 177 -3.96 23.30 13.60
CA GLU B 177 -5.19 24.12 13.61
C GLU B 177 -5.36 25.01 12.37
N GLN B 178 -4.25 25.36 11.72
CA GLN B 178 -4.27 26.17 10.53
C GLN B 178 -3.32 25.52 9.48
N PRO B 179 -3.80 24.45 8.85
CA PRO B 179 -3.03 23.63 7.95
C PRO B 179 -2.23 24.37 6.92
N ALA B 180 -2.76 25.52 6.46
CA ALA B 180 -2.16 26.24 5.39
C ALA B 180 -1.00 27.14 5.77
N LEU B 181 -0.63 27.26 7.06
CA LEU B 181 0.36 28.24 7.51
C LEU B 181 1.55 27.60 8.25
N ASN B 182 2.72 28.20 8.11
CA ASN B 182 3.96 27.57 8.60
C ASN B 182 3.91 27.53 10.11
N ASP B 183 3.48 28.63 10.74
CA ASP B 183 3.62 28.68 12.20
C ASP B 183 2.28 28.38 12.90
N SER B 184 1.46 27.55 12.23
CA SER B 184 0.24 27.06 12.76
C SER B 184 0.45 26.48 14.16
N ARG B 185 -0.48 26.79 15.04
CA ARG B 185 -0.61 26.10 16.29
C ARG B 185 -1.25 24.72 16.13
N TYR B 186 -1.19 23.92 17.19
CA TYR B 186 -1.62 22.53 17.17
C TYR B 186 -2.64 22.18 18.24
N ALA B 187 -3.35 21.07 17.99
CA ALA B 187 -4.24 20.47 18.90
C ALA B 187 -3.94 18.98 19.03
N LEU B 188 -4.32 18.43 20.16
CA LEU B 188 -4.22 17.00 20.47
C LEU B 188 -5.39 16.56 21.34
N SER B 189 -5.96 15.38 21.07
CA SER B 189 -7.01 14.81 21.86
C SER B 189 -6.58 13.45 22.38
N SER B 190 -7.20 13.13 23.50
CA SER B 190 -7.08 11.88 24.16
C SER B 190 -8.46 11.45 24.71
N ARG B 191 -8.73 10.13 24.74
CA ARG B 191 -9.90 9.62 25.34
C ARG B 191 -9.53 8.70 26.49
N LEU B 192 -10.36 8.70 27.54
CA LEU B 192 -10.27 7.76 28.64
C LEU B 192 -11.68 7.17 28.77
N ARG B 193 -11.79 5.85 28.67
CA ARG B 193 -13.05 5.18 28.79
C ARG B 193 -13.03 4.31 30.04
N VAL B 194 -14.10 4.45 30.82
CA VAL B 194 -14.26 3.75 32.10
C VAL B 194 -15.68 3.18 32.09
N SER B 195 -15.93 2.25 33.01
CA SER B 195 -17.31 1.75 33.14
C SER B 195 -18.20 2.91 33.57
N ALA B 196 -19.43 2.92 33.12
CA ALA B 196 -20.42 3.91 33.57
C ALA B 196 -20.51 3.93 35.13
N THR B 197 -20.46 2.77 35.76
CA THR B 197 -20.48 2.69 37.24
C THR B 197 -19.33 3.50 37.85
N PHE B 198 -18.16 3.45 37.23
CA PHE B 198 -17.02 4.19 37.78
C PHE B 198 -17.19 5.72 37.63
N TRP B 199 -17.65 6.15 36.45
CA TRP B 199 -17.95 7.55 36.23
C TRP B 199 -19.06 8.04 37.15
N GLN B 200 -20.01 7.16 37.46
CA GLN B 200 -21.15 7.57 38.25
C GLN B 200 -20.85 7.72 39.74
N ASP B 201 -19.64 7.40 40.17
CA ASP B 201 -19.26 7.60 41.56
C ASP B 201 -18.68 9.03 41.69
N PRO B 202 -19.38 9.93 42.41
CA PRO B 202 -18.89 11.32 42.56
C PRO B 202 -17.61 11.47 43.37
N ARG B 203 -17.10 10.40 43.97
CA ARG B 203 -15.78 10.44 44.63
C ARG B 203 -14.63 10.30 43.62
N ASN B 204 -14.94 9.90 42.40
CA ASN B 204 -13.92 9.68 41.40
C ASN B 204 -13.51 10.97 40.70
N HIS B 205 -12.22 11.17 40.62
CA HIS B 205 -11.56 12.40 40.16
C HIS B 205 -10.68 12.04 38.93
N PHE B 206 -10.86 12.74 37.83
CA PHE B 206 -10.21 12.48 36.55
C PHE B 206 -9.49 13.75 36.10
N ARG B 207 -8.20 13.64 35.74
CA ARG B 207 -7.39 14.78 35.47
C ARG B 207 -6.58 14.43 34.28
N CYS B 208 -6.67 15.30 33.26
CA CYS B 208 -5.89 15.23 32.03
C CYS B 208 -4.72 16.23 32.29
N GLN B 209 -3.50 15.76 32.05
CA GLN B 209 -2.26 16.46 32.33
C GLN B 209 -1.48 16.58 31.06
N VAL B 210 -1.19 17.81 30.65
CA VAL B 210 -0.40 18.03 29.43
C VAL B 210 0.90 18.73 29.68
N GLN B 211 2.01 18.01 29.48
CA GLN B 211 3.36 18.65 29.58
C GLN B 211 3.66 19.35 28.24
N PHE B 212 3.97 20.67 28.31
CA PHE B 212 4.41 21.48 27.19
C PHE B 212 5.89 21.79 27.29
N TYR B 213 6.58 21.72 26.15
CA TYR B 213 8.00 22.07 26.07
C TYR B 213 8.10 23.38 25.33
N GLY B 214 8.52 24.41 26.05
CA GLY B 214 8.50 25.77 25.54
C GLY B 214 9.77 26.50 25.88
N LEU B 215 9.62 27.78 26.22
CA LEU B 215 10.79 28.61 26.52
C LEU B 215 11.31 28.36 27.94
N SER B 216 12.54 28.82 28.18
CA SER B 216 13.12 28.83 29.55
C SER B 216 13.46 30.24 29.96
N GLU B 217 14.13 30.38 31.09
CA GLU B 217 14.73 31.67 31.53
C GLU B 217 15.76 32.26 30.56
N ASN B 218 16.51 31.44 29.84
CA ASN B 218 17.49 31.95 28.83
C ASN B 218 16.87 32.69 27.65
N ASP B 219 15.57 32.57 27.47
CA ASP B 219 14.83 33.29 26.44
C ASP B 219 14.36 34.63 26.93
N GLU B 220 14.60 35.68 26.12
CA GLU B 220 14.06 36.99 26.40
C GLU B 220 12.60 36.96 26.04
N TRP B 221 11.80 37.77 26.71
CA TRP B 221 10.38 37.87 26.44
C TRP B 221 9.87 39.28 26.79
N THR B 222 9.35 39.93 25.76
CA THR B 222 8.84 41.25 25.92
C THR B 222 7.55 41.37 25.15
N GLN B 223 6.69 40.35 25.22
CA GLN B 223 5.30 40.51 24.83
C GLN B 223 4.51 40.74 26.12
N ASP B 224 3.23 41.05 25.96
CA ASP B 224 2.33 41.32 27.07
C ASP B 224 1.86 40.02 27.70
N ARG B 225 1.46 39.05 26.87
CA ARG B 225 1.02 37.77 27.38
C ARG B 225 2.12 37.06 28.20
N ALA B 226 1.73 36.16 29.07
CA ALA B 226 2.69 35.43 29.86
C ALA B 226 3.78 34.70 28.92
N LYS B 227 5.01 34.69 29.39
CA LYS B 227 6.11 33.99 28.72
C LYS B 227 5.74 32.53 28.58
N PRO B 228 5.70 31.98 27.36
CA PRO B 228 5.21 30.54 27.17
C PRO B 228 6.28 29.50 27.49
N VAL B 229 6.54 29.40 28.78
CA VAL B 229 7.58 28.52 29.26
C VAL B 229 7.15 27.08 29.25
N THR B 230 8.12 26.19 29.30
CA THR B 230 7.89 24.81 29.61
C THR B 230 7.00 24.74 30.91
N GLN B 231 5.91 23.99 30.85
CA GLN B 231 4.90 23.96 31.90
C GLN B 231 3.97 22.78 31.74
N ILE B 232 3.27 22.43 32.81
CA ILE B 232 2.21 21.45 32.73
C ILE B 232 0.89 22.20 32.87
N VAL B 233 -0.07 21.86 32.03
CA VAL B 233 -1.42 22.37 32.12
C VAL B 233 -2.37 21.21 32.25
N SER B 234 -3.24 21.26 33.26
CA SER B 234 -4.17 20.21 33.54
C SER B 234 -5.62 20.70 33.44
N ALA B 235 -6.55 19.77 33.27
CA ALA B 235 -7.96 20.00 33.45
C ALA B 235 -8.54 18.78 34.14
N GLU B 236 -9.68 18.98 34.75
CA GLU B 236 -10.28 17.94 35.52
C GLU B 236 -11.82 17.90 35.44
N ALA B 237 -12.33 16.74 35.81
CA ALA B 237 -13.75 16.49 35.98
C ALA B 237 -13.86 15.59 37.17
N TRP B 238 -14.99 15.69 37.81
CA TRP B 238 -15.42 14.74 38.81
C TRP B 238 -16.58 13.92 38.33
N GLY B 239 -16.66 12.68 38.80
CA GLY B 239 -17.78 11.84 38.52
C GLY B 239 -19.12 12.37 39.03
N ARG B 240 -20.19 11.81 38.53
CA ARG B 240 -21.51 12.21 38.97
C ARG B 240 -22.51 11.10 38.83
N ALA B 241 -23.24 10.87 39.91
CA ALA B 241 -24.50 10.11 39.85
C ALA B 241 -25.40 11.04 39.07
N ASP B 242 -25.89 10.61 37.92
CA ASP B 242 -26.35 11.60 36.92
C ASP B 242 -27.80 11.91 37.25
N LYS C 1 -17.96 -3.91 1.30
CA LYS C 1 -19.32 -4.42 1.63
C LYS C 1 -19.12 -5.71 2.46
N GLU C 2 -19.65 -6.87 2.08
CA GLU C 2 -19.49 -8.04 2.90
C GLU C 2 -18.03 -8.47 3.09
N VAL C 3 -17.16 -8.25 2.10
CA VAL C 3 -15.79 -8.80 2.13
C VAL C 3 -14.79 -7.74 1.76
N GLU C 4 -13.80 -7.52 2.63
CA GLU C 4 -12.92 -6.38 2.50
C GLU C 4 -11.47 -6.79 2.24
N GLN C 5 -10.93 -6.31 1.14
CA GLN C 5 -9.51 -6.35 0.94
C GLN C 5 -9.08 -5.07 0.21
N ASN C 6 -7.83 -4.73 0.46
CA ASN C 6 -7.18 -3.60 -0.22
C ASN C 6 -6.78 -3.97 -1.67
N SER C 7 -7.07 -3.08 -2.62
CA SER C 7 -6.61 -3.28 -4.04
C SER C 7 -5.08 -3.39 -4.25
N GLY C 8 -4.33 -2.66 -3.39
CA GLY C 8 -2.89 -2.48 -3.56
C GLY C 8 -2.72 -1.60 -4.79
N PRO C 9 -1.77 -1.84 -5.68
CA PRO C 9 -0.91 -3.02 -5.68
C PRO C 9 0.01 -3.08 -4.49
N LEU C 10 0.42 -4.28 -4.12
CA LEU C 10 1.43 -4.47 -3.08
C LEU C 10 2.62 -5.04 -3.81
N SER C 11 3.82 -4.55 -3.52
CA SER C 11 5.09 -5.13 -4.00
C SER C 11 5.74 -6.02 -2.96
N VAL C 12 6.37 -7.08 -3.37
CA VAL C 12 7.10 -7.95 -2.48
C VAL C 12 8.36 -8.32 -3.27
N PRO C 13 9.53 -8.27 -2.64
CA PRO C 13 10.72 -8.65 -3.37
C PRO C 13 10.66 -10.14 -3.73
N GLU C 14 11.12 -10.43 -4.93
CA GLU C 14 11.29 -11.80 -5.37
C GLU C 14 12.00 -12.67 -4.30
N GLY C 15 11.41 -13.81 -3.96
CA GLY C 15 11.93 -14.70 -2.94
C GLY C 15 11.42 -14.45 -1.53
N ALA C 16 10.76 -13.31 -1.28
CA ALA C 16 10.31 -13.00 0.08
C ALA C 16 8.88 -13.53 0.28
N ILE C 17 8.45 -13.46 1.54
CA ILE C 17 7.15 -13.87 1.92
C ILE C 17 6.12 -12.79 1.62
N ALA C 18 5.11 -13.11 0.84
CA ALA C 18 4.02 -12.23 0.58
C ALA C 18 2.89 -12.59 1.55
N SER C 19 2.26 -11.55 2.10
CA SER C 19 1.17 -11.70 3.04
C SER C 19 -0.06 -10.91 2.54
N LEU C 20 -1.22 -11.55 2.44
CA LEU C 20 -2.48 -10.84 2.10
C LEU C 20 -3.53 -11.15 3.18
N ASN C 21 -4.38 -10.18 3.49
CA ASN C 21 -5.43 -10.33 4.45
C ASN C 21 -6.77 -9.93 3.90
N CYS C 22 -7.83 -10.54 4.42
N CYS C 22 -7.83 -10.57 4.42
CA CYS C 22 -9.19 -10.17 4.07
CA CYS C 22 -9.23 -10.28 4.07
C CYS C 22 -10.03 -10.29 5.31
C CYS C 22 -9.98 -10.24 5.37
N THR C 23 -10.95 -9.35 5.49
CA THR C 23 -11.90 -9.43 6.59
C THR C 23 -13.28 -9.52 6.02
N TYR C 24 -14.21 -10.00 6.85
CA TYR C 24 -15.56 -10.24 6.42
C TYR C 24 -16.48 -9.87 7.55
N SER C 25 -17.66 -9.36 7.21
CA SER C 25 -18.60 -8.92 8.26
C SER C 25 -19.58 -9.97 8.78
N ASP C 26 -19.98 -10.93 7.96
CA ASP C 26 -21.02 -11.92 8.34
C ASP C 26 -20.42 -13.04 9.25
N ARG C 27 -20.76 -13.02 10.54
CA ARG C 27 -20.22 -13.99 11.50
C ARG C 27 -20.70 -15.42 11.21
N GLY C 28 -21.82 -15.53 10.50
CA GLY C 28 -22.27 -16.81 9.97
C GLY C 28 -21.61 -17.27 8.68
N SER C 29 -20.47 -16.71 8.29
CA SER C 29 -19.68 -17.25 7.17
C SER C 29 -19.05 -18.60 7.53
N GLN C 30 -19.16 -19.58 6.66
CA GLN C 30 -18.60 -20.91 6.93
C GLN C 30 -17.55 -21.41 5.94
N SER C 31 -17.43 -20.83 4.75
CA SER C 31 -16.31 -21.24 3.93
C SER C 31 -15.63 -20.09 3.23
N PHE C 32 -14.33 -20.28 2.97
CA PHE C 32 -13.44 -19.18 2.72
C PHE C 32 -12.50 -19.65 1.64
N PHE C 33 -12.31 -18.79 0.66
CA PHE C 33 -11.53 -19.18 -0.52
C PHE C 33 -10.57 -18.09 -0.95
N TRP C 34 -9.44 -18.51 -1.51
CA TRP C 34 -8.58 -17.63 -2.23
C TRP C 34 -8.49 -18.06 -3.70
N TYR C 35 -8.70 -17.09 -4.58
CA TYR C 35 -8.50 -17.24 -5.99
C TYR C 35 -7.40 -16.32 -6.50
N ARG C 36 -6.68 -16.80 -7.50
CA ARG C 36 -5.68 -16.08 -8.17
C ARG C 36 -6.11 -15.81 -9.63
N GLN C 37 -5.93 -14.57 -10.11
CA GLN C 37 -6.39 -14.18 -11.42
C GLN C 37 -5.27 -13.40 -12.12
N TYR C 38 -4.73 -14.02 -13.17
CA TYR C 38 -3.73 -13.35 -14.01
C TYR C 38 -4.49 -12.51 -14.96
N SER C 39 -3.83 -11.56 -15.56
CA SER C 39 -4.58 -10.58 -16.37
C SER C 39 -5.01 -11.25 -17.67
N GLY C 40 -6.25 -10.97 -18.04
CA GLY C 40 -6.84 -11.58 -19.21
C GLY C 40 -7.36 -12.99 -18.97
N LYS C 41 -7.29 -13.53 -17.76
CA LYS C 41 -7.77 -14.84 -17.44
C LYS C 41 -8.84 -14.78 -16.36
N SER C 42 -9.46 -15.90 -16.09
CA SER C 42 -10.44 -16.04 -15.05
C SER C 42 -9.82 -16.46 -13.77
N PRO C 43 -10.54 -16.30 -12.69
CA PRO C 43 -9.94 -16.68 -11.38
C PRO C 43 -9.77 -18.19 -11.23
N GLU C 44 -8.66 -18.60 -10.62
CA GLU C 44 -8.40 -20.00 -10.38
C GLU C 44 -8.40 -20.23 -8.88
N LEU C 45 -9.02 -21.30 -8.43
CA LEU C 45 -9.11 -21.53 -6.98
C LEU C 45 -7.73 -21.97 -6.51
N ILE C 46 -7.13 -21.29 -5.54
CA ILE C 46 -5.84 -21.77 -5.06
C ILE C 46 -5.87 -22.34 -3.66
N MET C 47 -6.82 -21.93 -2.83
CA MET C 47 -6.92 -22.43 -1.45
C MET C 47 -8.34 -22.30 -0.95
N PHE C 48 -8.76 -23.25 -0.16
CA PHE C 48 -10.01 -23.12 0.53
C PHE C 48 -9.71 -23.56 1.95
N ILE C 49 -10.48 -23.00 2.88
CA ILE C 49 -10.31 -23.28 4.28
C ILE C 49 -11.63 -23.09 5.00
N TYR C 50 -11.87 -24.00 5.95
CA TYR C 50 -13.17 -24.08 6.61
C TYR C 50 -13.08 -24.07 8.14
N SER C 51 -11.94 -24.41 8.74
CA SER C 51 -11.84 -24.25 10.15
C SER C 51 -10.63 -23.41 10.57
N ASN C 52 -10.71 -22.96 11.80
CA ASN C 52 -9.64 -22.17 12.42
C ASN C 52 -8.27 -22.80 12.35
N GLY C 53 -7.30 -22.00 11.99
CA GLY C 53 -5.92 -22.41 11.96
C GLY C 53 -5.34 -22.20 10.60
N ASP C 54 -4.28 -22.98 10.33
CA ASP C 54 -3.45 -22.86 9.11
C ASP C 54 -3.68 -24.04 8.22
N LYS C 55 -3.65 -23.83 6.93
CA LYS C 55 -3.65 -24.89 5.95
C LYS C 55 -2.52 -24.60 4.97
N GLU C 56 -1.70 -25.59 4.72
CA GLU C 56 -0.48 -25.41 3.99
C GLU C 56 -0.62 -26.14 2.66
N ASP C 57 -0.18 -25.53 1.56
CA ASP C 57 -0.22 -26.20 0.28
C ASP C 57 0.94 -25.70 -0.56
N GLY C 58 2.03 -26.49 -0.64
CA GLY C 58 3.25 -26.05 -1.27
C GLY C 58 3.71 -24.72 -0.67
N ARG C 59 3.79 -23.68 -1.50
CA ARG C 59 4.29 -22.38 -1.04
C ARG C 59 3.16 -21.52 -0.39
N PHE C 60 1.93 -22.02 -0.38
CA PHE C 60 0.79 -21.31 0.14
C PHE C 60 0.43 -21.76 1.53
N THR C 61 0.10 -20.79 2.40
CA THR C 61 -0.52 -21.07 3.66
C THR C 61 -1.70 -20.17 3.78
N ALA C 62 -2.85 -20.72 4.05
CA ALA C 62 -4.03 -19.92 4.35
C ALA C 62 -4.21 -19.98 5.83
N GLN C 63 -4.72 -18.91 6.43
CA GLN C 63 -5.00 -18.88 7.87
C GLN C 63 -6.40 -18.32 8.04
N LEU C 64 -7.16 -18.89 8.97
CA LEU C 64 -8.52 -18.41 9.22
C LEU C 64 -8.69 -18.20 10.66
N ASN C 65 -9.38 -17.13 11.04
CA ASN C 65 -9.67 -16.90 12.44
C ASN C 65 -11.10 -16.47 12.39
N LYS C 66 -12.01 -17.39 12.74
CA LYS C 66 -13.45 -17.08 12.69
C LYS C 66 -13.90 -16.13 13.78
N ALA C 67 -13.21 -16.13 14.92
CA ALA C 67 -13.58 -15.24 16.02
C ALA C 67 -13.24 -13.78 15.65
N SER C 68 -12.09 -13.55 15.03
CA SER C 68 -11.69 -12.23 14.57
C SER C 68 -12.18 -11.85 13.16
N GLN C 69 -12.69 -12.82 12.43
CA GLN C 69 -13.26 -12.63 11.10
C GLN C 69 -12.24 -12.11 10.11
N TYR C 70 -11.09 -12.78 10.02
CA TYR C 70 -10.17 -12.54 8.94
C TYR C 70 -9.70 -13.85 8.36
N ILE C 71 -9.23 -13.77 7.13
CA ILE C 71 -8.53 -14.86 6.50
C ILE C 71 -7.25 -14.29 5.89
N SER C 72 -6.18 -15.06 5.90
CA SER C 72 -4.93 -14.63 5.33
C SER C 72 -4.41 -15.63 4.35
N LEU C 73 -3.62 -15.15 3.42
CA LEU C 73 -2.82 -15.97 2.49
C LEU C 73 -1.38 -15.54 2.60
N LEU C 74 -0.51 -16.49 2.85
CA LEU C 74 0.90 -16.29 2.81
C LEU C 74 1.51 -17.05 1.62
N ILE C 75 2.44 -16.39 0.94
CA ILE C 75 3.12 -17.01 -0.18
C ILE C 75 4.58 -17.00 0.15
N ARG C 76 5.16 -18.16 0.36
CA ARG C 76 6.61 -18.30 0.51
C ARG C 76 7.36 -18.24 -0.80
N ASP C 77 8.59 -17.74 -0.73
CA ASP C 77 9.55 -17.84 -1.85
C ASP C 77 8.88 -17.24 -3.10
N SER C 78 8.36 -16.05 -2.97
CA SER C 78 7.63 -15.39 -4.00
C SER C 78 8.36 -15.39 -5.34
N LYS C 79 7.63 -15.73 -6.40
CA LYS C 79 8.14 -15.80 -7.73
C LYS C 79 7.54 -14.73 -8.58
N LEU C 80 8.24 -14.42 -9.66
CA LEU C 80 7.65 -13.51 -10.66
C LEU C 80 6.32 -14.00 -11.19
N SER C 81 6.20 -15.30 -11.36
CA SER C 81 4.95 -15.90 -11.83
C SER C 81 3.84 -15.82 -10.80
N ASP C 82 4.14 -15.45 -9.54
CA ASP C 82 3.07 -15.20 -8.53
C ASP C 82 2.42 -13.85 -8.67
N SER C 83 2.95 -12.95 -9.53
CA SER C 83 2.31 -11.64 -9.75
C SER C 83 0.96 -11.83 -10.40
N ALA C 84 -0.09 -11.34 -9.76
CA ALA C 84 -1.48 -11.65 -10.08
C ALA C 84 -2.39 -10.86 -9.12
N THR C 85 -3.68 -10.82 -9.45
CA THR C 85 -4.67 -10.38 -8.50
C THR C 85 -5.12 -11.58 -7.63
N TYR C 86 -5.14 -11.41 -6.32
CA TYR C 86 -5.57 -12.45 -5.41
C TYR C 86 -6.92 -12.02 -4.81
N LEU C 87 -7.91 -12.88 -4.86
CA LEU C 87 -9.27 -12.51 -4.50
C LEU C 87 -9.72 -13.45 -3.44
N CYS C 88 -10.25 -12.90 -2.36
N CYS C 88 -10.33 -12.89 -2.41
CA CYS C 88 -10.80 -13.73 -1.33
CA CYS C 88 -10.81 -13.66 -1.28
C CYS C 88 -12.31 -13.80 -1.54
C CYS C 88 -12.31 -13.77 -1.51
N ALA C 89 -12.90 -14.93 -1.17
CA ALA C 89 -14.34 -15.16 -1.35
C ALA C 89 -14.88 -15.88 -0.13
N VAL C 90 -16.07 -15.52 0.27
CA VAL C 90 -16.68 -16.14 1.37
C VAL C 90 -18.07 -16.64 0.93
N ARG C 91 -18.46 -17.78 1.47
CA ARG C 91 -19.81 -18.32 1.39
C ARG C 91 -20.33 -18.28 2.81
N THR C 92 -21.41 -17.55 2.96
CA THR C 92 -22.19 -17.61 4.18
C THR C 92 -23.05 -18.90 4.25
N ASN C 93 -23.11 -19.55 5.41
CA ASN C 93 -23.95 -20.77 5.61
C ASN C 93 -25.38 -20.75 5.01
N SER C 94 -26.05 -19.61 5.07
CA SER C 94 -27.42 -19.43 4.52
C SER C 94 -27.38 -18.98 3.03
N GLY C 95 -26.42 -19.50 2.28
CA GLY C 95 -26.17 -19.01 0.96
C GLY C 95 -25.37 -19.98 0.10
N TYR C 96 -25.64 -19.83 -1.18
CA TYR C 96 -25.03 -20.61 -2.23
C TYR C 96 -23.98 -19.83 -3.02
N ALA C 97 -24.11 -18.52 -3.06
CA ALA C 97 -23.20 -17.72 -3.83
C ALA C 97 -21.92 -17.41 -3.09
N LEU C 98 -20.86 -17.18 -3.86
CA LEU C 98 -19.63 -16.58 -3.35
C LEU C 98 -19.73 -15.05 -3.32
N ASN C 99 -19.31 -14.43 -2.24
CA ASN C 99 -19.06 -13.00 -2.15
C ASN C 99 -17.60 -12.80 -2.27
N PHE C 100 -17.21 -12.03 -3.25
CA PHE C 100 -15.82 -11.82 -3.51
C PHE C 100 -15.41 -10.46 -2.96
N GLY C 101 -14.19 -10.36 -2.46
CA GLY C 101 -13.60 -9.02 -2.35
C GLY C 101 -13.16 -8.51 -3.74
N LYS C 102 -12.67 -7.30 -3.75
CA LYS C 102 -12.35 -6.62 -4.97
C LYS C 102 -11.03 -7.07 -5.54
N GLY C 103 -10.25 -7.86 -4.81
CA GLY C 103 -8.96 -8.31 -5.31
C GLY C 103 -7.80 -7.40 -4.91
N THR C 104 -6.68 -8.02 -4.57
CA THR C 104 -5.42 -7.34 -4.29
C THR C 104 -4.41 -7.73 -5.34
N SER C 105 -3.96 -6.73 -6.08
CA SER C 105 -2.93 -6.90 -7.05
C SER C 105 -1.56 -7.06 -6.34
N LEU C 106 -0.86 -8.15 -6.61
CA LEU C 106 0.48 -8.36 -6.08
C LEU C 106 1.51 -8.32 -7.21
N LEU C 107 2.56 -7.51 -6.98
CA LEU C 107 3.67 -7.39 -7.86
C LEU C 107 4.91 -7.95 -7.20
N VAL C 108 5.44 -9.04 -7.72
CA VAL C 108 6.66 -9.55 -7.24
C VAL C 108 7.82 -8.93 -8.01
N THR C 109 8.76 -8.33 -7.29
CA THR C 109 9.73 -7.43 -7.90
C THR C 109 11.13 -8.03 -7.85
N PRO C 110 11.76 -8.23 -9.03
CA PRO C 110 13.10 -8.86 -9.00
C PRO C 110 14.18 -7.92 -8.53
N HIS C 111 15.27 -8.47 -7.98
CA HIS C 111 16.44 -7.68 -7.72
C HIS C 111 17.32 -7.58 -8.96
N ILE C 112 17.60 -6.36 -9.43
CA ILE C 112 18.45 -6.20 -10.62
C ILE C 112 19.91 -6.20 -10.19
N GLN C 113 20.65 -7.22 -10.59
CA GLN C 113 22.03 -7.41 -10.15
C GLN C 113 22.96 -6.25 -10.56
N LYS C 114 22.91 -5.87 -11.82
CA LYS C 114 23.82 -4.86 -12.36
C LYS C 114 23.01 -3.87 -13.23
N PRO C 115 22.30 -2.91 -12.61
CA PRO C 115 21.53 -1.88 -13.37
C PRO C 115 22.40 -1.16 -14.39
N ASP C 116 21.91 -0.98 -15.61
CA ASP C 116 22.72 -0.46 -16.73
C ASP C 116 21.77 0.38 -17.62
N PRO C 117 21.12 1.40 -17.03
CA PRO C 117 19.98 2.03 -17.69
C PRO C 117 20.35 2.64 -19.02
N ALA C 118 19.59 2.34 -20.06
CA ALA C 118 19.92 2.76 -21.41
C ALA C 118 18.67 2.95 -22.23
N VAL C 119 18.71 3.93 -23.13
CA VAL C 119 17.68 4.11 -24.12
C VAL C 119 18.26 3.77 -25.51
N TYR C 120 17.63 2.84 -26.22
CA TYR C 120 18.08 2.43 -27.56
C TYR C 120 16.98 2.71 -28.56
N GLN C 121 17.38 2.91 -29.81
CA GLN C 121 16.42 3.00 -30.91
C GLN C 121 16.40 1.69 -31.73
N LEU C 122 15.22 1.14 -31.98
CA LEU C 122 15.04 -0.12 -32.73
C LEU C 122 14.30 0.16 -34.04
N ARG C 123 14.76 -0.36 -35.18
CA ARG C 123 14.04 -0.19 -36.46
C ARG C 123 13.09 -1.36 -36.79
N ASP C 124 11.98 -1.05 -37.47
CA ASP C 124 11.06 -2.03 -38.00
C ASP C 124 11.82 -2.96 -38.93
N SER C 125 11.59 -4.27 -38.78
CA SER C 125 12.27 -5.28 -39.60
C SER C 125 11.82 -5.21 -41.05
N LYS C 126 10.72 -4.50 -41.30
CA LYS C 126 10.12 -4.42 -42.60
C LYS C 126 10.27 -3.03 -43.24
N SER C 127 10.52 -1.96 -42.49
CA SER C 127 10.98 -0.70 -43.14
C SER C 127 11.73 0.19 -42.13
N SER C 128 12.83 0.80 -42.58
CA SER C 128 13.75 1.55 -41.71
C SER C 128 13.06 2.75 -41.02
N ASP C 129 12.31 3.53 -41.82
CA ASP C 129 11.52 4.72 -41.39
C ASP C 129 10.71 4.64 -40.08
N LYS C 130 10.19 3.48 -39.73
CA LYS C 130 9.47 3.33 -38.45
C LYS C 130 10.35 2.75 -37.37
N SER C 131 10.25 3.31 -36.18
CA SER C 131 11.10 2.88 -35.09
C SER C 131 10.42 3.10 -33.75
N VAL C 132 11.07 2.54 -32.75
CA VAL C 132 10.61 2.47 -31.41
C VAL C 132 11.81 2.83 -30.52
N CYS C 133 11.56 3.35 -29.32
CA CYS C 133 12.59 3.54 -28.28
C CYS C 133 12.41 2.57 -27.17
N LEU C 134 13.49 1.94 -26.75
CA LEU C 134 13.49 0.98 -25.68
C LEU C 134 14.33 1.54 -24.51
N PHE C 135 13.69 1.79 -23.37
CA PHE C 135 14.37 2.16 -22.13
C PHE C 135 14.54 0.87 -21.40
N THR C 136 15.78 0.50 -21.07
CA THR C 136 16.01 -0.83 -20.51
C THR C 136 17.11 -0.85 -19.49
N ASP C 137 17.15 -1.95 -18.75
CA ASP C 137 18.20 -2.31 -17.80
C ASP C 137 18.22 -1.35 -16.56
N PHE C 138 17.17 -0.55 -16.37
CA PHE C 138 17.00 0.27 -15.15
C PHE C 138 16.58 -0.57 -13.94
N ASP C 139 16.83 -0.05 -12.76
CA ASP C 139 16.52 -0.77 -11.53
C ASP C 139 15.01 -0.68 -11.26
N SER C 140 14.59 -1.55 -10.33
CA SER C 140 13.18 -1.71 -10.01
C SER C 140 12.59 -0.53 -9.24
N GLN C 141 13.39 0.42 -8.79
CA GLN C 141 12.84 1.70 -8.27
C GLN C 141 12.43 2.74 -9.31
N THR C 142 12.86 2.57 -10.55
CA THR C 142 12.53 3.55 -11.57
C THR C 142 11.10 3.43 -12.01
N ASN C 143 10.31 4.46 -11.74
CA ASN C 143 8.98 4.59 -12.30
C ASN C 143 9.08 5.16 -13.69
N VAL C 144 8.26 4.60 -14.56
CA VAL C 144 8.12 5.10 -15.91
C VAL C 144 6.84 5.93 -15.97
N SER C 145 6.95 7.13 -16.52
CA SER C 145 5.85 8.06 -16.58
C SER C 145 5.09 7.90 -17.87
N GLN C 146 3.79 8.07 -17.76
CA GLN C 146 2.92 8.12 -18.95
C GLN C 146 3.26 9.44 -19.65
N SER C 147 3.24 9.43 -20.98
CA SER C 147 3.73 10.54 -21.79
C SER C 147 2.99 11.84 -21.52
N LYS C 148 3.69 12.95 -21.67
CA LYS C 148 3.04 14.26 -21.73
C LYS C 148 2.33 14.41 -23.08
N ASP C 149 3.09 14.29 -24.16
CA ASP C 149 2.55 14.50 -25.51
C ASP C 149 1.52 13.41 -25.85
N SER C 150 0.35 13.80 -26.37
CA SER C 150 -0.72 12.83 -26.78
C SER C 150 -0.38 12.01 -28.04
N ASP C 151 0.57 12.48 -28.86
CA ASP C 151 1.06 11.71 -30.04
C ASP C 151 2.34 10.89 -29.74
N VAL C 152 2.78 10.88 -28.47
CA VAL C 152 3.83 10.01 -28.03
C VAL C 152 3.28 9.00 -27.03
N TYR C 153 3.55 7.71 -27.27
CA TYR C 153 3.00 6.61 -26.47
C TYR C 153 4.10 5.96 -25.70
N ILE C 154 3.86 5.71 -24.41
CA ILE C 154 4.84 5.07 -23.54
C ILE C 154 4.19 3.92 -22.77
N THR C 155 4.79 2.73 -22.79
CA THR C 155 4.22 1.59 -22.05
C THR C 155 4.69 1.66 -20.63
N ASP C 156 4.03 0.92 -19.77
CA ASP C 156 4.59 0.71 -18.47
C ASP C 156 5.81 -0.18 -18.58
N LYS C 157 6.54 -0.20 -17.50
CA LYS C 157 7.66 -1.07 -17.23
C LYS C 157 7.21 -2.53 -17.28
N CYS C 158 7.97 -3.44 -17.85
CA CYS C 158 7.70 -4.82 -17.55
C CYS C 158 8.99 -5.66 -17.44
N VAL C 159 8.95 -6.76 -16.71
CA VAL C 159 10.16 -7.45 -16.32
C VAL C 159 10.26 -8.74 -17.13
N LEU C 160 11.36 -8.95 -17.85
CA LEU C 160 11.60 -10.23 -18.50
C LEU C 160 12.68 -11.04 -17.79
N ASP C 161 12.54 -12.37 -17.85
CA ASP C 161 13.47 -13.28 -17.19
C ASP C 161 14.11 -14.20 -18.26
N MET C 162 15.41 -13.99 -18.54
CA MET C 162 16.21 -14.91 -19.38
C MET C 162 16.66 -16.06 -18.52
N ARG C 163 15.90 -17.12 -18.58
CA ARG C 163 15.90 -18.13 -17.54
C ARG C 163 17.17 -18.94 -17.54
N SER C 164 17.73 -19.24 -18.70
CA SER C 164 18.93 -20.07 -18.76
C SER C 164 20.17 -19.33 -18.26
N MET C 165 20.15 -17.99 -18.24
CA MET C 165 21.26 -17.25 -17.63
C MET C 165 20.90 -16.53 -16.35
N ASP C 166 19.78 -16.92 -15.75
CA ASP C 166 19.25 -16.32 -14.53
C ASP C 166 19.43 -14.79 -14.51
N PHE C 167 18.89 -14.11 -15.51
CA PHE C 167 19.13 -12.69 -15.74
C PHE C 167 17.81 -11.98 -15.87
N LYS C 168 17.58 -10.93 -15.09
CA LYS C 168 16.33 -10.21 -15.14
C LYS C 168 16.56 -8.80 -15.61
N SER C 169 15.64 -8.27 -16.41
CA SER C 169 15.72 -6.88 -16.84
C SER C 169 14.35 -6.27 -17.05
N ASN C 170 14.29 -5.00 -16.73
CA ASN C 170 13.10 -4.18 -16.84
C ASN C 170 13.22 -3.49 -18.15
N SER C 171 12.09 -3.21 -18.80
CA SER C 171 12.04 -2.37 -20.00
C SER C 171 10.75 -1.60 -20.10
N ALA C 172 10.77 -0.52 -20.85
CA ALA C 172 9.57 0.20 -21.27
C ALA C 172 9.81 0.67 -22.69
N VAL C 173 8.73 0.85 -23.44
CA VAL C 173 8.82 1.15 -24.86
C VAL C 173 8.10 2.43 -25.09
N ALA C 174 8.61 3.21 -26.03
CA ALA C 174 7.98 4.45 -26.44
C ALA C 174 8.06 4.58 -27.95
N TRP C 175 7.08 5.25 -28.50
CA TRP C 175 7.07 5.45 -29.93
C TRP C 175 6.13 6.59 -30.28
N SER C 176 6.26 7.07 -31.51
CA SER C 176 5.46 8.18 -32.02
C SER C 176 5.40 8.13 -33.56
N ASN C 177 4.50 8.91 -34.13
CA ASN C 177 4.42 9.06 -35.60
C ASN C 177 4.93 10.41 -36.13
N LYS C 178 4.84 11.46 -35.32
CA LYS C 178 5.45 12.73 -35.66
C LYS C 178 6.99 12.60 -35.76
N SER C 179 7.59 13.31 -36.71
CA SER C 179 9.04 13.27 -36.99
C SER C 179 9.86 14.00 -35.92
N ASP C 180 9.35 15.13 -35.46
CA ASP C 180 9.82 15.85 -34.24
C ASP C 180 10.40 14.93 -33.14
N PHE C 181 9.88 13.71 -33.06
CA PHE C 181 10.24 12.72 -32.05
C PHE C 181 11.66 12.17 -32.18
N ALA C 182 12.37 12.12 -31.05
CA ALA C 182 13.71 11.53 -30.93
C ALA C 182 13.75 10.79 -29.61
N CYS C 183 14.49 9.69 -29.55
CA CYS C 183 14.58 8.85 -28.36
C CYS C 183 15.26 9.51 -27.17
N ALA C 184 16.21 10.41 -27.38
CA ALA C 184 16.71 11.25 -26.29
C ALA C 184 15.55 11.98 -25.57
N ASN C 185 14.60 12.53 -26.33
CA ASN C 185 13.40 13.23 -25.79
C ASN C 185 12.46 12.26 -25.08
N ALA C 186 12.24 11.11 -25.72
CA ALA C 186 11.22 10.12 -25.35
C ALA C 186 10.76 10.01 -23.89
N PHE C 187 11.68 9.64 -23.00
CA PHE C 187 11.35 9.39 -21.60
C PHE C 187 11.66 10.56 -20.64
N ASN C 188 11.83 11.79 -21.15
CA ASN C 188 12.03 13.00 -20.29
C ASN C 188 10.94 13.19 -19.20
N ASN C 189 9.68 12.98 -19.59
CA ASN C 189 8.53 12.98 -18.66
C ASN C 189 8.73 12.16 -17.35
N SER C 190 9.57 11.12 -17.41
CA SER C 190 9.92 10.24 -16.29
C SER C 190 11.18 10.78 -15.59
N ILE C 191 11.26 10.68 -14.24
CA ILE C 191 12.57 10.89 -13.54
C ILE C 191 13.42 9.62 -13.80
N ILE C 192 14.37 9.78 -14.73
CA ILE C 192 15.30 8.74 -15.26
C ILE C 192 16.58 8.71 -14.39
N PRO C 193 17.20 7.53 -14.21
CA PRO C 193 18.50 7.50 -13.51
C PRO C 193 19.53 8.47 -14.21
N GLU C 194 20.30 9.27 -13.43
CA GLU C 194 21.24 10.25 -14.05
C GLU C 194 22.38 9.64 -14.89
N ASP C 195 22.81 8.44 -14.49
CA ASP C 195 23.79 7.62 -15.24
C ASP C 195 23.24 6.90 -16.53
N THR C 196 22.13 7.37 -17.14
CA THR C 196 21.51 6.64 -18.30
C THR C 196 22.27 6.78 -19.68
N PHE C 197 22.55 5.63 -20.28
CA PHE C 197 23.27 5.53 -21.57
C PHE C 197 22.33 5.93 -22.74
N PHE C 198 22.78 6.85 -23.61
CA PHE C 198 22.01 7.32 -24.79
C PHE C 198 22.96 7.35 -25.99
N PRO C 199 23.23 6.21 -26.64
CA PRO C 199 24.33 6.10 -27.62
C PRO C 199 24.12 6.84 -28.94
N SER C 200 22.96 6.59 -29.57
CA SER C 200 22.70 6.95 -31.01
C SER C 200 21.44 6.23 -31.55
N ASP D 1 -9.83 -31.80 -21.23
CA ASP D 1 -10.31 -30.81 -20.23
C ASP D 1 -11.74 -31.17 -19.74
N ALA D 2 -11.80 -32.14 -18.81
CA ALA D 2 -13.05 -32.55 -18.12
C ALA D 2 -13.71 -31.43 -17.25
N GLY D 3 -12.96 -30.32 -16.99
CA GLY D 3 -13.37 -29.02 -16.41
C GLY D 3 -14.42 -28.16 -17.09
N VAL D 4 -14.56 -26.96 -16.59
CA VAL D 4 -15.65 -26.09 -16.95
C VAL D 4 -15.34 -25.48 -18.28
N THR D 5 -16.31 -25.52 -19.20
CA THR D 5 -16.13 -24.89 -20.49
C THR D 5 -17.20 -23.85 -20.70
N GLN D 6 -16.92 -22.88 -21.54
CA GLN D 6 -17.88 -21.78 -21.76
C GLN D 6 -17.73 -21.44 -23.18
N SER D 7 -18.78 -20.93 -23.77
CA SER D 7 -18.70 -20.46 -25.14
C SER D 7 -19.74 -19.35 -25.27
N PRO D 8 -19.53 -18.43 -26.19
CA PRO D 8 -18.25 -18.34 -26.96
C PRO D 8 -17.12 -17.68 -26.08
N THR D 9 -15.90 -17.60 -26.57
CA THR D 9 -14.75 -16.96 -25.89
C THR D 9 -14.99 -15.47 -25.77
N HIS D 10 -15.63 -14.89 -26.77
CA HIS D 10 -15.87 -13.45 -26.76
C HIS D 10 -17.11 -13.16 -27.56
N LEU D 11 -17.66 -11.98 -27.37
CA LEU D 11 -18.74 -11.41 -28.13
C LEU D 11 -18.57 -9.93 -28.22
N ILE D 12 -18.96 -9.39 -29.36
CA ILE D 12 -19.06 -7.99 -29.59
C ILE D 12 -20.49 -7.73 -29.98
N LYS D 13 -21.15 -6.79 -29.33
CA LYS D 13 -22.51 -6.43 -29.60
C LYS D 13 -22.69 -4.93 -29.54
N THR D 14 -23.84 -4.47 -30.02
CA THR D 14 -24.21 -3.08 -29.89
C THR D 14 -25.39 -2.97 -28.93
N ARG D 15 -25.68 -1.71 -28.57
CA ARG D 15 -26.67 -1.42 -27.59
C ARG D 15 -28.01 -1.89 -28.04
N GLY D 16 -28.74 -2.52 -27.14
CA GLY D 16 -30.10 -2.89 -27.45
C GLY D 16 -30.17 -4.31 -27.95
N GLN D 17 -29.05 -4.95 -28.27
CA GLN D 17 -29.09 -6.32 -28.76
C GLN D 17 -29.21 -7.27 -27.60
N GLN D 18 -29.21 -8.56 -27.89
CA GLN D 18 -29.22 -9.58 -26.87
C GLN D 18 -28.25 -10.69 -27.17
N VAL D 19 -27.92 -11.41 -26.12
CA VAL D 19 -26.81 -12.31 -26.13
C VAL D 19 -27.15 -13.52 -25.29
N THR D 20 -26.63 -14.68 -25.68
CA THR D 20 -26.79 -15.91 -24.93
C THR D 20 -25.42 -16.52 -24.74
N LEU D 21 -25.04 -16.78 -23.50
CA LEU D 21 -23.78 -17.41 -23.20
C LEU D 21 -24.02 -18.81 -22.67
N ARG D 22 -23.07 -19.70 -22.88
CA ARG D 22 -23.25 -21.11 -22.58
C ARG D 22 -22.16 -21.56 -21.66
N CYS D 23 -22.55 -22.43 -20.76
CA CYS D 23 -21.67 -23.00 -19.80
C CYS D 23 -21.96 -24.49 -19.67
N SER D 24 -20.90 -25.30 -19.67
CA SER D 24 -20.98 -26.67 -19.21
C SER D 24 -20.14 -26.86 -17.97
N PRO D 25 -20.77 -27.40 -16.92
CA PRO D 25 -20.03 -27.58 -15.72
C PRO D 25 -19.01 -28.67 -15.87
N LYS D 26 -18.08 -28.74 -14.94
CA LYS D 26 -17.11 -29.79 -14.89
C LYS D 26 -17.86 -31.12 -14.77
N GLN D 27 -17.37 -32.19 -15.40
CA GLN D 27 -18.08 -33.49 -15.37
C GLN D 27 -18.16 -33.93 -13.90
N GLY D 28 -19.34 -34.36 -13.47
CA GLY D 28 -19.59 -34.61 -12.04
C GLY D 28 -20.12 -33.42 -11.24
N HIS D 29 -20.25 -32.25 -11.84
CA HIS D 29 -20.84 -31.12 -11.11
C HIS D 29 -22.26 -30.88 -11.59
N ASP D 30 -23.15 -30.50 -10.67
CA ASP D 30 -24.58 -30.27 -10.98
C ASP D 30 -25.11 -28.86 -10.70
N THR D 31 -24.26 -27.98 -10.18
CA THR D 31 -24.64 -26.63 -9.81
C THR D 31 -23.86 -25.68 -10.67
N VAL D 32 -24.55 -24.73 -11.29
CA VAL D 32 -23.83 -23.67 -11.96
C VAL D 32 -24.21 -22.29 -11.46
N SER D 33 -23.19 -21.46 -11.31
CA SER D 33 -23.29 -20.11 -10.77
C SER D 33 -22.69 -19.19 -11.81
N TRP D 34 -23.42 -18.11 -12.16
CA TRP D 34 -22.94 -17.13 -13.09
C TRP D 34 -22.56 -15.87 -12.36
N TYR D 35 -21.46 -15.27 -12.80
CA TYR D 35 -20.96 -14.04 -12.23
C TYR D 35 -20.56 -13.08 -13.37
N GLN D 36 -20.64 -11.78 -13.05
CA GLN D 36 -20.17 -10.72 -13.90
C GLN D 36 -18.97 -10.08 -13.25
N GLN D 37 -17.87 -9.92 -13.96
CA GLN D 37 -16.70 -9.23 -13.42
C GLN D 37 -16.30 -8.06 -14.31
N ALA D 38 -16.37 -6.85 -13.79
CA ALA D 38 -15.77 -5.65 -14.43
C ALA D 38 -14.32 -5.52 -14.02
N LEU D 39 -13.57 -4.75 -14.79
CA LEU D 39 -12.15 -4.55 -14.54
C LEU D 39 -11.90 -3.95 -13.13
N GLY D 40 -10.93 -4.53 -12.43
CA GLY D 40 -10.58 -4.10 -11.09
C GLY D 40 -11.59 -4.42 -9.99
N GLN D 41 -12.54 -5.28 -10.26
CA GLN D 41 -13.55 -5.64 -9.29
C GLN D 41 -13.61 -7.14 -9.22
N GLY D 42 -14.27 -7.60 -8.16
CA GLY D 42 -14.46 -9.02 -7.99
C GLY D 42 -15.67 -9.45 -8.77
N PRO D 43 -15.76 -10.72 -9.03
CA PRO D 43 -16.91 -11.25 -9.71
C PRO D 43 -18.18 -10.98 -8.91
N GLN D 44 -19.23 -10.50 -9.53
CA GLN D 44 -20.47 -10.22 -8.86
C GLN D 44 -21.48 -11.28 -9.24
N PHE D 45 -22.13 -11.86 -8.25
CA PHE D 45 -23.05 -12.97 -8.44
C PHE D 45 -24.36 -12.62 -9.21
N ILE D 46 -24.66 -13.37 -10.26
CA ILE D 46 -25.88 -13.15 -11.00
C ILE D 46 -26.98 -14.16 -10.57
N PHE D 47 -26.71 -15.45 -10.74
CA PHE D 47 -27.59 -16.48 -10.23
C PHE D 47 -26.95 -17.83 -10.16
N GLN D 48 -27.62 -18.71 -9.44
CA GLN D 48 -27.21 -20.10 -9.36
C GLN D 48 -28.38 -20.99 -9.75
N TYR D 49 -28.04 -22.06 -10.48
CA TYR D 49 -28.97 -23.07 -10.98
C TYR D 49 -28.57 -24.41 -10.39
N TYR D 50 -29.55 -25.10 -9.84
CA TYR D 50 -29.41 -26.47 -9.36
C TYR D 50 -30.71 -27.23 -9.68
N GLU D 51 -30.53 -28.47 -10.18
CA GLU D 51 -31.65 -29.34 -10.60
C GLU D 51 -32.67 -28.57 -11.42
N GLU D 52 -32.15 -27.86 -12.40
CA GLU D 52 -32.89 -27.06 -13.34
C GLU D 52 -33.71 -25.88 -12.79
N GLU D 53 -33.50 -25.45 -11.54
CA GLU D 53 -34.21 -24.28 -11.01
C GLU D 53 -33.23 -23.16 -10.62
N GLU D 54 -33.74 -21.95 -10.63
CA GLU D 54 -33.01 -20.81 -10.16
C GLU D 54 -33.10 -20.86 -8.64
N ARG D 55 -31.98 -21.17 -7.99
CA ARG D 55 -31.95 -21.33 -6.53
C ARG D 55 -31.69 -19.98 -5.84
N GLN D 56 -30.97 -19.10 -6.51
CA GLN D 56 -30.60 -17.83 -5.93
C GLN D 56 -30.28 -16.86 -7.04
N ARG D 57 -30.63 -15.60 -6.83
CA ARG D 57 -30.38 -14.57 -7.77
C ARG D 57 -29.83 -13.38 -7.02
N GLY D 58 -28.85 -12.75 -7.64
CA GLY D 58 -28.15 -11.65 -7.03
C GLY D 58 -28.83 -10.40 -7.55
N ASN D 59 -28.12 -9.31 -7.44
CA ASN D 59 -28.68 -7.99 -7.65
C ASN D 59 -28.64 -7.57 -9.09
N PHE D 60 -29.33 -8.30 -9.97
CA PHE D 60 -29.31 -8.04 -11.38
C PHE D 60 -30.75 -7.90 -11.85
N PRO D 61 -31.01 -6.91 -12.72
CA PRO D 61 -32.37 -6.73 -13.22
C PRO D 61 -32.86 -7.86 -14.15
N ASP D 62 -34.14 -7.74 -14.47
CA ASP D 62 -34.91 -8.74 -15.17
C ASP D 62 -34.37 -9.10 -16.56
N ARG D 63 -33.66 -8.20 -17.22
CA ARG D 63 -33.08 -8.54 -18.49
C ARG D 63 -31.95 -9.58 -18.46
N PHE D 64 -31.44 -9.96 -17.28
CA PHE D 64 -30.54 -11.11 -17.06
C PHE D 64 -31.40 -12.32 -16.71
N SER D 65 -31.47 -13.31 -17.60
CA SER D 65 -32.27 -14.50 -17.34
C SER D 65 -31.40 -15.68 -17.62
N GLY D 66 -31.80 -16.80 -17.11
CA GLY D 66 -30.98 -17.98 -17.29
C GLY D 66 -31.81 -19.23 -17.41
N HIS D 67 -31.10 -20.31 -17.73
CA HIS D 67 -31.70 -21.62 -17.69
C HIS D 67 -30.64 -22.68 -17.41
N GLN D 68 -31.04 -23.77 -16.74
CA GLN D 68 -30.21 -24.98 -16.67
C GLN D 68 -30.99 -26.17 -17.23
N PHE D 69 -30.36 -26.92 -18.12
CA PHE D 69 -30.95 -28.01 -18.84
C PHE D 69 -30.77 -29.28 -18.03
N PRO D 70 -31.41 -30.37 -18.48
CA PRO D 70 -31.27 -31.64 -17.78
C PRO D 70 -29.87 -32.19 -17.74
N ASN D 71 -29.10 -32.02 -18.82
CA ASN D 71 -27.66 -32.34 -18.76
C ASN D 71 -27.29 -31.03 -18.08
N TYR D 72 -26.43 -30.99 -17.08
CA TYR D 72 -26.48 -29.81 -16.16
C TYR D 72 -25.99 -28.47 -16.75
N SER D 73 -25.89 -28.39 -18.08
CA SER D 73 -25.41 -27.19 -18.76
C SER D 73 -26.36 -26.04 -18.56
N SER D 74 -25.85 -24.84 -18.78
CA SER D 74 -26.59 -23.64 -18.45
C SER D 74 -26.45 -22.56 -19.51
N GLU D 75 -27.42 -21.64 -19.58
CA GLU D 75 -27.30 -20.47 -20.46
C GLU D 75 -27.60 -19.23 -19.66
N LEU D 76 -26.91 -18.16 -19.99
CA LEU D 76 -27.21 -16.82 -19.48
C LEU D 76 -27.65 -15.98 -20.67
N ASN D 77 -28.84 -15.43 -20.59
CA ASN D 77 -29.34 -14.54 -21.64
C ASN D 77 -29.39 -13.14 -21.06
N VAL D 78 -28.82 -12.17 -21.78
CA VAL D 78 -28.92 -10.78 -21.43
C VAL D 78 -29.51 -10.04 -22.58
N ASN D 79 -30.59 -9.28 -22.34
CA ASN D 79 -31.07 -8.46 -23.41
C ASN D 79 -31.04 -6.98 -23.08
N ALA D 80 -31.45 -6.20 -24.07
CA ALA D 80 -31.49 -4.75 -24.00
C ALA D 80 -30.13 -4.31 -23.52
N LEU D 81 -29.10 -4.78 -24.21
CA LEU D 81 -27.72 -4.61 -23.75
C LEU D 81 -27.36 -3.13 -23.64
N LEU D 82 -26.65 -2.78 -22.58
CA LEU D 82 -26.13 -1.42 -22.34
C LEU D 82 -24.61 -1.48 -22.43
N LEU D 83 -24.01 -0.28 -22.65
CA LEU D 83 -22.59 -0.15 -22.72
C LEU D 83 -21.96 -0.66 -21.45
N GLY D 84 -22.60 -0.47 -20.32
CA GLY D 84 -22.10 -0.92 -19.03
C GLY D 84 -22.15 -2.42 -18.81
N ASP D 85 -22.75 -3.19 -19.70
CA ASP D 85 -22.77 -4.65 -19.57
C ASP D 85 -21.48 -5.29 -20.06
N SER D 86 -20.58 -4.48 -20.64
CA SER D 86 -19.24 -4.94 -21.05
C SER D 86 -18.53 -5.51 -19.83
N ALA D 87 -18.17 -6.80 -19.86
CA ALA D 87 -17.61 -7.46 -18.69
C ALA D 87 -17.15 -8.84 -19.07
N LEU D 88 -16.46 -9.47 -18.15
CA LEU D 88 -16.12 -10.87 -18.25
C LEU D 88 -17.25 -11.62 -17.57
N TYR D 89 -17.90 -12.52 -18.30
CA TYR D 89 -18.96 -13.31 -17.73
C TYR D 89 -18.45 -14.71 -17.39
N LEU D 90 -18.52 -15.05 -16.12
CA LEU D 90 -17.92 -16.26 -15.62
C LEU D 90 -19.00 -17.20 -15.18
N CYS D 91 -18.79 -18.45 -15.53
CA CYS D 91 -19.55 -19.56 -15.12
C CYS D 91 -18.70 -20.28 -14.06
N ALA D 92 -19.30 -20.75 -12.96
CA ALA D 92 -18.59 -21.63 -12.04
C ALA D 92 -19.43 -22.87 -11.71
N SER D 93 -18.78 -24.02 -11.61
CA SER D 93 -19.52 -25.20 -11.26
C SER D 93 -19.08 -25.80 -9.94
N SER D 94 -20.02 -26.45 -9.28
CA SER D 94 -19.75 -27.09 -8.02
C SER D 94 -20.70 -28.27 -7.91
N ASP D 95 -20.57 -29.00 -6.84
CA ASP D 95 -21.53 -30.06 -6.57
C ASP D 95 -22.05 -29.97 -5.12
N THR D 96 -22.92 -30.90 -4.74
CA THR D 96 -23.58 -30.79 -3.44
C THR D 96 -22.82 -31.47 -2.31
N VAL D 97 -21.92 -32.39 -2.66
CA VAL D 97 -20.97 -32.98 -1.68
C VAL D 97 -19.84 -32.02 -1.34
N SER D 98 -18.94 -31.65 -2.26
CA SER D 98 -17.97 -30.55 -1.96
C SER D 98 -18.43 -29.27 -2.70
N TYR D 99 -18.53 -28.16 -1.98
CA TYR D 99 -19.15 -26.99 -2.56
C TYR D 99 -18.18 -26.00 -3.26
N GLU D 100 -16.88 -26.32 -3.34
CA GLU D 100 -15.89 -25.51 -4.05
C GLU D 100 -16.37 -25.13 -5.47
N GLN D 101 -16.35 -23.83 -5.78
CA GLN D 101 -16.75 -23.34 -7.08
C GLN D 101 -15.57 -23.13 -7.98
N TYR D 102 -15.58 -23.75 -9.15
CA TYR D 102 -14.47 -23.67 -10.09
C TYR D 102 -14.92 -22.96 -11.31
N PHE D 103 -14.11 -22.00 -11.72
CA PHE D 103 -14.51 -21.11 -12.79
C PHE D 103 -14.13 -21.67 -14.14
N GLY D 104 -14.97 -21.45 -15.12
CA GLY D 104 -14.56 -21.66 -16.49
C GLY D 104 -13.71 -20.52 -17.01
N PRO D 105 -13.36 -20.55 -18.30
CA PRO D 105 -12.47 -19.56 -18.85
C PRO D 105 -13.18 -18.21 -19.11
N GLY D 106 -14.48 -18.12 -18.96
CA GLY D 106 -15.15 -16.85 -19.13
C GLY D 106 -15.51 -16.50 -20.56
N THR D 107 -16.47 -15.62 -20.73
CA THR D 107 -16.79 -15.01 -22.00
C THR D 107 -16.65 -13.51 -21.82
N ARG D 108 -15.83 -12.89 -22.64
CA ARG D 108 -15.64 -11.44 -22.61
C ARG D 108 -16.64 -10.80 -23.54
N LEU D 109 -17.50 -9.94 -23.02
CA LEU D 109 -18.49 -9.30 -23.83
C LEU D 109 -18.08 -7.87 -23.89
N THR D 110 -18.07 -7.35 -25.12
CA THR D 110 -17.97 -5.91 -25.34
C THR D 110 -19.26 -5.41 -25.97
N VAL D 111 -19.90 -4.44 -25.34
CA VAL D 111 -20.97 -3.76 -25.96
C VAL D 111 -20.38 -2.44 -26.41
N THR D 112 -20.51 -2.11 -27.70
CA THR D 112 -19.96 -0.87 -28.23
C THR D 112 -21.07 -0.11 -28.94
N GLU D 113 -20.83 1.14 -29.31
CA GLU D 113 -21.86 1.96 -29.98
C GLU D 113 -22.15 1.50 -31.40
N ASP D 114 -21.11 1.06 -32.09
CA ASP D 114 -21.19 0.75 -33.53
C ASP D 114 -20.14 -0.30 -33.87
N LEU D 115 -20.49 -1.31 -34.69
CA LEU D 115 -19.50 -2.29 -35.14
C LEU D 115 -18.37 -1.69 -35.97
N LYS D 116 -18.55 -0.49 -36.53
CA LYS D 116 -17.46 0.19 -37.21
C LYS D 116 -16.38 0.71 -36.24
N ASN D 117 -16.58 0.61 -34.91
CA ASN D 117 -15.50 0.81 -33.92
C ASN D 117 -14.51 -0.35 -33.84
N VAL D 118 -14.83 -1.48 -34.42
CA VAL D 118 -14.00 -2.64 -34.33
C VAL D 118 -12.82 -2.62 -35.35
N PHE D 119 -11.58 -2.77 -34.87
CA PHE D 119 -10.37 -2.82 -35.73
C PHE D 119 -9.41 -3.88 -35.30
N PRO D 120 -8.86 -4.62 -36.29
CA PRO D 120 -7.83 -5.58 -35.88
C PRO D 120 -6.49 -4.87 -35.61
N PRO D 121 -5.57 -5.52 -34.94
CA PRO D 121 -4.26 -4.94 -34.77
C PRO D 121 -3.40 -4.96 -36.05
N GLU D 122 -2.53 -3.97 -36.20
CA GLU D 122 -1.35 -4.07 -37.01
C GLU D 122 -0.19 -4.40 -36.10
N VAL D 123 0.74 -5.17 -36.61
CA VAL D 123 1.78 -5.74 -35.82
C VAL D 123 3.11 -5.56 -36.58
N ALA D 124 4.13 -5.16 -35.84
CA ALA D 124 5.46 -5.00 -36.40
C ALA D 124 6.46 -5.44 -35.38
N VAL D 125 7.55 -6.00 -35.86
CA VAL D 125 8.69 -6.41 -35.04
C VAL D 125 9.79 -5.45 -35.32
N PHE D 126 10.40 -4.97 -34.26
CA PHE D 126 11.52 -4.02 -34.35
C PHE D 126 12.74 -4.78 -33.90
N GLU D 127 13.79 -4.70 -34.73
CA GLU D 127 15.03 -5.45 -34.55
C GLU D 127 15.95 -4.77 -33.54
N PRO D 128 16.80 -5.57 -32.85
CA PRO D 128 17.63 -5.05 -31.77
C PRO D 128 18.56 -4.00 -32.26
N SER D 129 18.91 -3.03 -31.41
CA SER D 129 19.83 -1.94 -31.79
C SER D 129 21.25 -2.43 -31.68
N GLU D 130 22.09 -2.03 -32.64
CA GLU D 130 23.47 -2.39 -32.57
C GLU D 130 24.12 -1.78 -31.30
N ALA D 131 23.66 -0.60 -30.89
CA ALA D 131 24.11 0.01 -29.60
C ALA D 131 23.91 -0.96 -28.39
N GLU D 132 22.77 -1.63 -28.33
CA GLU D 132 22.49 -2.54 -27.21
C GLU D 132 23.39 -3.79 -27.28
N ILE D 133 23.50 -4.36 -28.48
CA ILE D 133 24.37 -5.53 -28.69
C ILE D 133 25.82 -5.23 -28.27
N SER D 134 26.31 -4.05 -28.63
CA SER D 134 27.66 -3.70 -28.26
C SER D 134 27.76 -3.31 -26.80
N HIS D 135 26.72 -2.74 -26.22
CA HIS D 135 26.77 -2.37 -24.79
C HIS D 135 26.59 -3.58 -23.87
N THR D 136 25.71 -4.54 -24.21
CA THR D 136 25.31 -5.63 -23.30
C THR D 136 25.54 -7.07 -23.75
N GLN D 137 25.86 -7.26 -25.01
CA GLN D 137 25.95 -8.58 -25.60
C GLN D 137 24.61 -9.30 -25.49
N LYS D 138 23.55 -8.49 -25.56
CA LYS D 138 22.18 -8.98 -25.56
C LYS D 138 21.42 -8.22 -26.59
N ALA D 139 20.35 -8.84 -27.05
CA ALA D 139 19.61 -8.35 -28.17
C ALA D 139 18.11 -8.42 -27.85
N THR D 140 17.47 -7.26 -27.80
CA THR D 140 16.06 -7.16 -27.50
C THR D 140 15.25 -6.88 -28.78
N LEU D 141 14.32 -7.76 -29.10
CA LEU D 141 13.34 -7.48 -30.14
C LEU D 141 12.07 -6.95 -29.46
N VAL D 142 11.40 -6.02 -30.13
CA VAL D 142 10.12 -5.50 -29.68
C VAL D 142 9.03 -5.82 -30.72
N CYS D 143 7.95 -6.38 -30.21
CA CYS D 143 6.76 -6.54 -30.97
C CYS D 143 5.75 -5.50 -30.52
N LEU D 144 5.15 -4.80 -31.47
CA LEU D 144 4.17 -3.75 -31.21
C LEU D 144 2.90 -4.04 -32.01
N ALA D 145 1.77 -4.21 -31.32
CA ALA D 145 0.43 -4.36 -31.90
C ALA D 145 -0.31 -3.08 -31.63
N THR D 146 -0.78 -2.41 -32.69
CA THR D 146 -1.40 -1.11 -32.49
C THR D 146 -2.74 -1.12 -33.18
N GLY D 147 -3.59 -0.18 -32.78
CA GLY D 147 -4.79 0.15 -33.52
C GLY D 147 -5.99 -0.74 -33.31
N PHE D 148 -5.97 -1.59 -32.29
CA PHE D 148 -7.03 -2.58 -32.16
C PHE D 148 -8.18 -2.16 -31.23
N TYR D 149 -9.36 -2.70 -31.52
CA TYR D 149 -10.53 -2.54 -30.67
C TYR D 149 -11.46 -3.70 -30.98
N PRO D 150 -12.04 -4.39 -29.96
CA PRO D 150 -11.84 -4.13 -28.50
C PRO D 150 -10.47 -4.54 -28.02
N ASP D 151 -10.20 -4.39 -26.73
CA ASP D 151 -8.83 -4.45 -26.24
C ASP D 151 -8.31 -5.85 -25.92
N HIS D 152 -8.89 -6.90 -26.49
CA HIS D 152 -8.49 -8.26 -26.15
C HIS D 152 -7.72 -8.97 -27.27
N VAL D 153 -6.44 -9.12 -26.99
CA VAL D 153 -5.53 -9.80 -27.89
C VAL D 153 -4.69 -10.70 -27.01
N GLU D 154 -4.07 -11.71 -27.58
CA GLU D 154 -3.06 -12.52 -26.91
C GLU D 154 -1.86 -12.53 -27.87
N LEU D 155 -0.71 -12.30 -27.28
CA LEU D 155 0.50 -12.15 -27.98
C LEU D 155 1.40 -13.31 -27.57
N SER D 156 2.04 -13.98 -28.53
CA SER D 156 3.05 -14.99 -28.22
C SER D 156 4.26 -14.80 -29.16
N TRP D 157 5.40 -15.31 -28.77
CA TRP D 157 6.57 -15.31 -29.55
C TRP D 157 6.95 -16.74 -29.93
N TRP D 158 7.43 -16.90 -31.16
CA TRP D 158 7.79 -18.18 -31.74
C TRP D 158 9.19 -18.07 -32.37
N VAL D 159 10.11 -18.87 -31.87
CA VAL D 159 11.48 -18.88 -32.32
C VAL D 159 11.73 -20.19 -32.96
N ASN D 160 12.19 -20.15 -34.22
CA ASN D 160 12.32 -21.33 -35.05
C ASN D 160 11.18 -22.30 -34.94
N GLY D 161 9.96 -21.81 -34.98
CA GLY D 161 8.83 -22.69 -34.96
C GLY D 161 8.28 -23.11 -33.60
N LYS D 162 8.88 -22.68 -32.51
CA LYS D 162 8.55 -23.14 -31.13
C LYS D 162 8.17 -21.95 -30.26
N GLU D 163 7.06 -22.06 -29.52
CA GLU D 163 6.65 -20.95 -28.66
C GLU D 163 7.69 -20.74 -27.56
N VAL D 164 8.05 -19.52 -27.25
CA VAL D 164 9.06 -19.30 -26.17
C VAL D 164 8.44 -18.49 -25.03
N HIS D 165 8.89 -18.72 -23.80
CA HIS D 165 8.49 -17.88 -22.60
C HIS D 165 9.68 -17.23 -21.87
N SER D 166 10.81 -17.93 -21.89
CA SER D 166 12.06 -17.39 -21.46
C SER D 166 12.44 -16.15 -22.26
N GLY D 167 12.90 -15.12 -21.55
CA GLY D 167 13.23 -13.83 -22.15
C GLY D 167 12.11 -12.94 -22.64
N VAL D 168 10.88 -13.24 -22.25
CA VAL D 168 9.70 -12.54 -22.78
C VAL D 168 8.99 -11.76 -21.70
N CYS D 169 8.54 -10.57 -22.05
CA CYS D 169 7.63 -9.82 -21.22
C CYS D 169 6.69 -9.06 -22.13
N THR D 170 5.42 -9.21 -21.86
CA THR D 170 4.37 -8.56 -22.59
C THR D 170 3.64 -7.66 -21.60
N ASP D 171 3.24 -6.48 -22.03
CA ASP D 171 2.55 -5.56 -21.10
C ASP D 171 1.35 -6.28 -20.51
N PRO D 172 1.14 -6.18 -19.20
CA PRO D 172 -0.11 -6.77 -18.72
C PRO D 172 -1.36 -6.03 -19.18
N GLN D 173 -1.30 -4.75 -19.53
CA GLN D 173 -2.54 -4.07 -19.97
C GLN D 173 -2.27 -3.36 -21.27
N PRO D 174 -3.21 -3.39 -22.19
CA PRO D 174 -2.99 -2.55 -23.36
C PRO D 174 -3.12 -1.09 -22.97
N LEU D 175 -2.59 -0.20 -23.77
CA LEU D 175 -2.79 1.20 -23.47
C LEU D 175 -3.73 1.82 -24.49
N LYS D 176 -4.48 2.84 -24.06
CA LYS D 176 -5.45 3.51 -24.93
C LYS D 176 -4.71 4.46 -25.78
N GLU D 177 -4.84 4.37 -27.09
CA GLU D 177 -4.24 5.38 -27.97
C GLU D 177 -4.83 6.78 -27.83
N GLN D 178 -6.11 6.86 -27.45
CA GLN D 178 -6.82 8.10 -27.23
C GLN D 178 -7.55 8.01 -25.90
N PRO D 179 -6.83 8.30 -24.81
CA PRO D 179 -7.35 8.27 -23.46
C PRO D 179 -8.71 8.91 -23.28
N ALA D 180 -9.02 9.93 -24.08
CA ALA D 180 -10.29 10.66 -23.90
C ALA D 180 -11.53 9.99 -24.49
N LEU D 181 -11.39 8.87 -25.20
CA LEU D 181 -12.52 8.28 -25.95
C LEU D 181 -13.00 6.93 -25.44
N ASN D 182 -14.31 6.78 -25.43
CA ASN D 182 -14.92 5.52 -25.06
C ASN D 182 -14.50 4.44 -26.05
N ASP D 183 -14.47 4.78 -27.34
CA ASP D 183 -14.17 3.78 -28.35
C ASP D 183 -12.73 3.97 -28.88
N SER D 184 -11.85 4.46 -28.01
CA SER D 184 -10.43 4.50 -28.34
C SER D 184 -9.92 3.14 -28.76
N ARG D 185 -9.07 3.12 -29.77
CA ARG D 185 -8.27 1.94 -30.06
C ARG D 185 -7.11 1.75 -29.08
N TYR D 186 -6.51 0.56 -29.11
CA TYR D 186 -5.46 0.16 -28.15
C TYR D 186 -4.17 -0.29 -28.82
N ALA D 187 -3.10 -0.26 -28.01
CA ALA D 187 -1.81 -0.78 -28.37
C ALA D 187 -1.28 -1.67 -27.27
N LEU D 188 -0.40 -2.59 -27.66
CA LEU D 188 0.26 -3.53 -26.75
C LEU D 188 1.68 -3.83 -27.25
N SER D 189 2.65 -3.85 -26.33
CA SER D 189 4.01 -4.22 -26.66
C SER D 189 4.44 -5.46 -25.89
N SER D 190 5.41 -6.10 -26.49
CA SER D 190 6.09 -7.23 -25.94
C SER D 190 7.58 -7.17 -26.33
N ARG D 191 8.44 -7.67 -25.46
CA ARG D 191 9.85 -7.75 -25.75
C ARG D 191 10.28 -9.21 -25.68
N LEU D 192 11.25 -9.56 -26.50
CA LEU D 192 11.93 -10.84 -26.43
C LEU D 192 13.45 -10.53 -26.42
N ARG D 193 14.16 -11.00 -25.40
CA ARG D 193 15.57 -10.78 -25.30
C ARG D 193 16.31 -12.10 -25.39
N VAL D 194 17.33 -12.09 -26.26
CA VAL D 194 18.18 -13.25 -26.52
C VAL D 194 19.63 -12.79 -26.44
N SER D 195 20.55 -13.74 -26.38
CA SER D 195 21.98 -13.40 -26.43
C SER D 195 22.27 -12.80 -27.76
N ALA D 196 23.16 -11.82 -27.80
CA ALA D 196 23.65 -11.26 -29.07
C ALA D 196 24.06 -12.37 -30.09
N THR D 197 24.76 -13.40 -29.60
CA THR D 197 25.19 -14.50 -30.47
C THR D 197 24.00 -15.18 -31.14
N PHE D 198 22.87 -15.32 -30.42
CA PHE D 198 21.69 -15.97 -30.99
C PHE D 198 21.04 -15.13 -32.08
N TRP D 199 20.93 -13.83 -31.83
CA TRP D 199 20.43 -12.89 -32.82
C TRP D 199 21.33 -12.85 -34.03
N GLN D 200 22.63 -12.97 -33.82
CA GLN D 200 23.58 -12.81 -34.90
C GLN D 200 23.65 -14.02 -35.82
N ASP D 201 22.94 -15.11 -35.51
CA ASP D 201 22.87 -16.26 -36.37
C ASP D 201 21.69 -16.05 -37.36
N PRO D 202 22.03 -15.87 -38.67
CA PRO D 202 20.98 -15.63 -39.66
C PRO D 202 20.05 -16.81 -39.92
N ARG D 203 20.29 -17.99 -39.33
CA ARG D 203 19.34 -19.10 -39.42
C ARG D 203 18.17 -18.94 -38.44
N ASN D 204 18.31 -18.02 -37.48
CA ASN D 204 17.28 -17.90 -36.44
C ASN D 204 16.14 -17.01 -36.92
N HIS D 205 14.95 -17.49 -36.68
CA HIS D 205 13.68 -16.92 -37.12
C HIS D 205 12.83 -16.56 -35.88
N PHE D 206 12.35 -15.33 -35.81
CA PHE D 206 11.59 -14.79 -34.68
C PHE D 206 10.27 -14.27 -35.19
N ARG D 207 9.16 -14.74 -34.62
CA ARG D 207 7.84 -14.38 -35.08
C ARG D 207 7.03 -14.01 -33.91
N CYS D 208 6.45 -12.82 -33.97
CA CYS D 208 5.50 -12.31 -32.96
C CYS D 208 4.11 -12.62 -33.57
N GLN D 209 3.25 -13.23 -32.78
CA GLN D 209 1.95 -13.73 -33.16
C GLN D 209 0.90 -13.07 -32.28
N VAL D 210 -0.03 -12.35 -32.88
CA VAL D 210 -1.10 -11.72 -32.14
C VAL D 210 -2.49 -12.24 -32.50
N GLN D 211 -3.14 -12.90 -31.54
CA GLN D 211 -4.55 -13.31 -31.71
C GLN D 211 -5.46 -12.13 -31.38
N PHE D 212 -6.33 -11.73 -32.33
CA PHE D 212 -7.37 -10.73 -32.13
C PHE D 212 -8.72 -11.43 -32.09
N TYR D 213 -9.56 -10.98 -31.17
CA TYR D 213 -10.93 -11.44 -31.01
C TYR D 213 -11.85 -10.32 -31.49
N GLY D 214 -12.51 -10.55 -32.63
CA GLY D 214 -13.29 -9.58 -33.33
C GLY D 214 -14.60 -10.14 -33.79
N LEU D 215 -15.02 -9.75 -35.00
CA LEU D 215 -16.32 -10.19 -35.51
C LEU D 215 -16.25 -11.60 -36.09
N SER D 216 -17.40 -12.21 -36.34
CA SER D 216 -17.49 -13.48 -37.10
C SER D 216 -18.39 -13.29 -38.29
N GLU D 217 -18.70 -14.39 -38.98
CA GLU D 217 -19.73 -14.43 -40.04
C GLU D 217 -21.13 -13.96 -39.64
N ASN D 218 -21.52 -14.21 -38.40
CA ASN D 218 -22.85 -13.76 -37.91
C ASN D 218 -23.07 -12.25 -37.87
N ASP D 219 -21.98 -11.50 -37.93
CA ASP D 219 -22.00 -10.06 -37.94
C ASP D 219 -22.14 -9.48 -39.33
N GLU D 220 -23.01 -8.49 -39.44
CA GLU D 220 -23.16 -7.68 -40.63
C GLU D 220 -21.93 -6.78 -40.78
N TRP D 221 -21.60 -6.44 -42.01
CA TRP D 221 -20.51 -5.52 -42.32
C TRP D 221 -20.70 -4.84 -43.67
N THR D 222 -20.79 -3.52 -43.66
CA THR D 222 -20.97 -2.79 -44.89
C THR D 222 -20.09 -1.55 -44.87
N GLN D 223 -18.87 -1.69 -44.40
CA GLN D 223 -17.86 -0.66 -44.64
C GLN D 223 -17.02 -1.14 -45.82
N ASP D 224 -16.14 -0.24 -46.26
CA ASP D 224 -15.18 -0.49 -47.31
C ASP D 224 -14.02 -1.33 -46.81
N ARG D 225 -13.47 -0.97 -45.65
CA ARG D 225 -12.32 -1.69 -45.12
C ARG D 225 -12.68 -3.16 -44.84
N ALA D 226 -11.65 -4.00 -44.76
CA ALA D 226 -11.88 -5.41 -44.47
C ALA D 226 -12.73 -5.62 -43.15
N LYS D 227 -13.66 -6.57 -43.18
CA LYS D 227 -14.43 -6.96 -42.03
C LYS D 227 -13.45 -7.38 -40.95
N PRO D 228 -13.49 -6.75 -39.76
CA PRO D 228 -12.44 -7.01 -38.71
C PRO D 228 -12.75 -8.27 -37.87
N VAL D 229 -12.57 -9.39 -38.54
CA VAL D 229 -12.87 -10.66 -37.97
C VAL D 229 -11.82 -11.12 -36.97
N THR D 230 -12.21 -12.02 -36.08
CA THR D 230 -11.26 -12.76 -35.30
C THR D 230 -10.15 -13.32 -36.28
N GLN D 231 -8.89 -13.10 -35.94
CA GLN D 231 -7.77 -13.41 -36.81
C GLN D 231 -6.47 -13.36 -36.03
N ILE D 232 -5.45 -14.00 -36.57
CA ILE D 232 -4.10 -13.89 -36.07
C ILE D 232 -3.31 -13.05 -37.03
N VAL D 233 -2.55 -12.12 -36.50
CA VAL D 233 -1.65 -11.25 -37.26
C VAL D 233 -0.25 -11.48 -36.70
N SER D 234 0.70 -11.79 -37.58
CA SER D 234 2.06 -12.05 -37.18
C SER D 234 3.01 -11.08 -37.86
N ALA D 235 4.18 -10.90 -37.28
CA ALA D 235 5.28 -10.14 -37.87
C ALA D 235 6.54 -10.91 -37.53
N GLU D 236 7.55 -10.74 -38.35
CA GLU D 236 8.72 -11.54 -38.19
C GLU D 236 10.03 -10.78 -38.49
N ALA D 237 11.10 -11.37 -37.99
CA ALA D 237 12.46 -10.89 -38.22
C ALA D 237 13.30 -12.14 -38.31
N TRP D 238 14.37 -12.00 -39.08
CA TRP D 238 15.39 -12.98 -39.09
C TRP D 238 16.68 -12.42 -38.50
N GLY D 239 17.48 -13.28 -37.89
CA GLY D 239 18.75 -12.88 -37.39
C GLY D 239 19.74 -12.41 -38.44
N ARG D 240 20.80 -11.77 -38.01
CA ARG D 240 21.80 -11.23 -38.95
C ARG D 240 23.10 -11.03 -38.22
N ALA D 241 24.17 -11.50 -38.86
CA ALA D 241 25.53 -11.12 -38.51
C ALA D 241 25.61 -9.67 -38.89
N ASP D 242 25.99 -8.81 -37.97
CA ASP D 242 26.28 -7.41 -38.32
C ASP D 242 27.53 -7.27 -39.22
C1 EDO E . -2.33 -6.28 23.08
O1 EDO E . -1.78 -5.01 22.69
C2 EDO E . -3.68 -6.56 22.44
O2 EDO E . -3.60 -6.75 21.01
S SO4 F . 5.66 -10.24 23.10
O1 SO4 F . 4.93 -8.94 23.10
O2 SO4 F . 4.73 -11.38 23.31
O3 SO4 F . 6.65 -10.22 24.19
O4 SO4 F . 6.36 -10.41 21.80
C1 EDO G . 7.09 23.77 14.05
O1 EDO G . 8.13 23.15 13.29
C2 EDO G . 6.14 22.73 14.59
O2 EDO G . 6.51 22.35 15.93
C1 EDO H . 14.36 26.61 26.03
O1 EDO H . 14.93 27.91 26.12
C2 EDO H . 13.89 26.48 24.60
O2 EDO H . 15.11 26.52 23.84
S SO4 I . 18.93 32.56 8.23
O1 SO4 I . 17.67 31.82 7.91
O2 SO4 I . 19.96 31.57 8.66
O3 SO4 I . 18.77 33.59 9.30
O4 SO4 I . 19.32 33.31 7.00
C1 EDO J . -3.93 -7.28 1.45
O1 EDO J . -3.35 -7.32 2.75
C2 EDO J . -4.91 -6.14 1.38
O2 EDO J . -6.23 -6.45 1.92
S SO4 K . 5.31 -23.79 -7.10
O1 SO4 K . 5.93 -24.63 -8.15
O2 SO4 K . 4.23 -24.51 -6.41
O3 SO4 K . 6.36 -23.50 -6.09
O4 SO4 K . 4.82 -22.58 -7.79
S SO4 L . 6.87 -20.67 -37.73
O1 SO4 L . 5.79 -20.63 -38.75
O2 SO4 L . 6.14 -21.25 -36.59
O3 SO4 L . 7.97 -21.56 -38.14
O4 SO4 L . 7.27 -19.30 -37.43
S SO4 M . 10.87 -21.20 -23.09
O1 SO4 M . 9.56 -21.75 -23.51
O2 SO4 M . 11.90 -22.26 -22.99
O3 SO4 M . 10.66 -20.54 -21.78
O4 SO4 M . 11.39 -20.21 -24.06
#